data_1UIK
#
_entry.id   1UIK
#
_cell.length_a   164.960
_cell.length_b   164.960
_cell.length_c   110.050
_cell.angle_alpha   90.00
_cell.angle_beta   90.00
_cell.angle_gamma   120.00
#
_symmetry.space_group_name_H-M   'P 31 2 1'
#
loop_
_entity.id
_entity.type
_entity.pdbx_description
1 polymer 'alpha prime subunit of beta-conglycinin'
2 non-polymer 'MAGNESIUM ION'
3 water water
#
_entity_poly.entity_id   1
_entity_poly.type   'polypeptide(L)'
_entity_poly.pdbx_seq_one_letter_code
;RRHKNKNPFHFNSKRFQTLFKNQYGHVRVLQRFNKRSQQLQNLRDYRILEFNSKPNTLLLPHHADADYLIVILNGTAILT
LVNNDDRDSYNLQSGDALRVPAGTTYYVVNPDNDENLRMITLAIPVNKPGRFESFFLSSTQAQQSYLQGFSKNILEASYD
TKFEEINKVLFGREEGQQQGEERLQESVIVEISKKQIRELSKHAKSSSRKTISSEDKPFNLRSRDPIYSNKLGKLFEITP
EKNPQLRDLDVFLSVVDMNEGALFLPHFNSKAIVVLVINEGEANIELVGIKEQQQRQQQEEQPLEVRKYRAELSEQDIFV
IPAGYPVVVNATSDLNFFAFGINAENNQRNFLAGSKDNVISQIPSQVQELAFPGSAKDIENLIKSQSESYFVDAQPQQKE
EGNKGRKGPLSSILRAFY
;
_entity_poly.pdbx_strand_id   A,B,C
#
loop_
_chem_comp.id
_chem_comp.type
_chem_comp.name
_chem_comp.formula
MG non-polymer 'MAGNESIUM ION' 'Mg 2'
#
# COMPACT_ATOMS: atom_id res chain seq x y z
N ASN A 7 -5.31 28.88 -3.34
CA ASN A 7 -6.19 27.72 -3.69
C ASN A 7 -5.35 26.61 -4.32
N PRO A 8 -4.84 25.69 -3.48
CA PRO A 8 -4.01 24.55 -3.89
C PRO A 8 -4.74 23.47 -4.69
N PHE A 9 -6.06 23.57 -4.75
CA PHE A 9 -6.84 22.58 -5.48
C PHE A 9 -7.10 22.96 -6.94
N HIS A 10 -6.78 24.20 -7.31
CA HIS A 10 -7.00 24.64 -8.69
C HIS A 10 -5.76 24.53 -9.53
N PHE A 11 -5.89 23.90 -10.69
CA PHE A 11 -4.76 23.73 -11.60
C PHE A 11 -5.09 24.25 -13.00
N ASN A 12 -4.51 25.39 -13.33
CA ASN A 12 -4.72 26.00 -14.66
C ASN A 12 -3.50 25.75 -15.55
N SER A 13 -3.51 26.33 -16.75
CA SER A 13 -2.42 26.16 -17.71
C SER A 13 -1.01 26.40 -17.19
N LYS A 14 -0.84 27.34 -16.28
CA LYS A 14 0.48 27.60 -15.73
C LYS A 14 1.02 26.39 -14.96
N ARG A 15 0.13 25.46 -14.63
CA ARG A 15 0.53 24.28 -13.88
C ARG A 15 0.93 23.09 -14.73
N PHE A 16 0.71 23.19 -16.04
CA PHE A 16 1.07 22.09 -16.93
C PHE A 16 2.48 22.29 -17.47
N GLN A 17 3.11 21.21 -17.89
CA GLN A 17 4.45 21.27 -18.44
C GLN A 17 4.45 20.58 -19.80
N THR A 18 4.97 21.28 -20.82
CA THR A 18 5.03 20.74 -22.17
C THR A 18 6.20 19.79 -22.33
N LEU A 19 5.94 18.61 -22.89
CA LEU A 19 6.99 17.62 -23.11
C LEU A 19 7.33 17.60 -24.60
N PHE A 20 6.31 17.63 -25.44
CA PHE A 20 6.48 17.61 -26.89
C PHE A 20 5.38 18.45 -27.52
N LYS A 21 5.77 19.29 -28.49
CA LYS A 21 4.80 20.16 -29.14
C LYS A 21 5.23 20.61 -30.53
N ASN A 22 4.30 20.54 -31.47
CA ASN A 22 4.53 20.99 -32.84
C ASN A 22 3.19 21.24 -33.51
N GLN A 23 3.21 21.51 -34.81
CA GLN A 23 1.99 21.79 -35.55
C GLN A 23 0.96 20.66 -35.49
N TYR A 24 1.43 19.42 -35.36
CA TYR A 24 0.53 18.27 -35.35
C TYR A 24 -0.03 17.84 -34.00
N GLY A 25 0.70 18.12 -32.93
CA GLY A 25 0.21 17.72 -31.63
C GLY A 25 0.91 18.38 -30.45
N HIS A 26 0.31 18.17 -29.29
CA HIS A 26 0.80 18.72 -28.04
C HIS A 26 0.65 17.68 -26.92
N VAL A 27 1.77 17.32 -26.30
CA VAL A 27 1.79 16.37 -25.20
C VAL A 27 2.29 17.11 -23.97
N ARG A 28 1.51 17.10 -22.90
CA ARG A 28 1.94 17.77 -21.68
C ARG A 28 1.51 17.01 -20.43
N VAL A 29 2.13 17.35 -19.30
CA VAL A 29 1.84 16.69 -18.04
C VAL A 29 1.64 17.71 -16.93
N LEU A 30 0.67 17.44 -16.07
CA LEU A 30 0.37 18.30 -14.93
C LEU A 30 1.47 18.15 -13.91
N GLN A 31 1.78 19.24 -13.21
CA GLN A 31 2.82 19.18 -12.17
C GLN A 31 2.37 18.20 -11.08
N ARG A 32 3.32 17.75 -10.27
CA ARG A 32 3.02 16.83 -9.18
C ARG A 32 1.91 17.46 -8.34
N PHE A 33 0.91 16.67 -7.99
CA PHE A 33 -0.21 17.17 -7.20
C PHE A 33 0.23 17.79 -5.88
N ASN A 34 1.35 17.32 -5.34
CA ASN A 34 1.85 17.82 -4.07
C ASN A 34 3.07 18.71 -4.23
N LYS A 35 3.21 19.34 -5.39
CA LYS A 35 4.35 20.22 -5.63
C LYS A 35 4.28 21.48 -4.78
N ARG A 36 3.20 22.24 -4.94
CA ARG A 36 3.00 23.47 -4.19
C ARG A 36 2.70 23.19 -2.73
N SER A 37 1.50 22.66 -2.48
CA SER A 37 1.02 22.35 -1.13
C SER A 37 1.09 20.87 -0.79
N GLN A 38 1.23 20.57 0.51
CA GLN A 38 1.27 19.17 0.92
C GLN A 38 -0.12 18.79 1.42
N GLN A 39 -1.12 19.52 0.94
CA GLN A 39 -2.50 19.26 1.31
C GLN A 39 -3.07 18.14 0.45
N LEU A 40 -2.34 17.73 -0.58
CA LEU A 40 -2.76 16.65 -1.47
C LEU A 40 -1.77 15.49 -1.45
N GLN A 41 -1.14 15.25 -0.29
CA GLN A 41 -0.15 14.19 -0.16
C GLN A 41 -0.54 12.82 -0.65
N ASN A 42 -1.80 12.42 -0.48
CA ASN A 42 -2.21 11.10 -0.93
C ASN A 42 -2.51 10.99 -2.41
N LEU A 43 -2.04 11.96 -3.18
CA LEU A 43 -2.18 11.96 -4.63
C LEU A 43 -0.77 11.93 -5.21
N ARG A 44 0.24 11.87 -4.34
CA ARG A 44 1.62 11.86 -4.77
C ARG A 44 2.01 10.77 -5.77
N ASP A 45 1.31 9.64 -5.76
CA ASP A 45 1.61 8.54 -6.66
C ASP A 45 1.01 8.70 -8.06
N TYR A 46 0.13 9.68 -8.23
CA TYR A 46 -0.54 9.92 -9.51
C TYR A 46 -0.08 11.17 -10.30
N ARG A 47 -0.26 11.12 -11.62
CA ARG A 47 0.07 12.23 -12.51
C ARG A 47 -0.98 12.24 -13.63
N ILE A 48 -1.27 13.41 -14.16
CA ILE A 48 -2.24 13.55 -15.25
C ILE A 48 -1.48 13.92 -16.53
N LEU A 49 -1.72 13.16 -17.60
CA LEU A 49 -1.07 13.41 -18.90
C LEU A 49 -2.13 13.91 -19.87
N GLU A 50 -1.78 14.89 -20.68
CA GLU A 50 -2.73 15.42 -21.65
C GLU A 50 -2.18 15.34 -23.06
N PHE A 51 -3.00 14.87 -23.99
CA PHE A 51 -2.60 14.78 -25.39
C PHE A 51 -3.69 15.34 -26.31
N ASN A 52 -3.27 16.16 -27.27
CA ASN A 52 -4.18 16.76 -28.26
C ASN A 52 -3.46 16.69 -29.60
N SER A 53 -4.14 16.18 -30.63
CA SER A 53 -3.51 16.07 -31.95
C SER A 53 -4.48 16.40 -33.09
N LYS A 54 -3.93 16.88 -34.20
CA LYS A 54 -4.76 17.23 -35.37
C LYS A 54 -5.18 15.99 -36.15
N PRO A 55 -6.15 16.13 -37.05
CA PRO A 55 -6.62 15.01 -37.86
C PRO A 55 -5.46 14.40 -38.65
N ASN A 56 -5.54 13.11 -38.93
CA ASN A 56 -4.51 12.41 -39.68
C ASN A 56 -3.10 12.52 -39.10
N THR A 57 -2.94 12.24 -37.81
CA THR A 57 -1.61 12.29 -37.18
C THR A 57 -1.26 10.99 -36.43
N LEU A 58 0.02 10.83 -36.13
CA LEU A 58 0.53 9.65 -35.45
C LEU A 58 1.51 9.98 -34.34
N LEU A 59 1.23 9.48 -33.13
CA LEU A 59 2.12 9.65 -31.99
C LEU A 59 3.02 8.40 -32.06
N LEU A 60 4.31 8.61 -32.25
CA LEU A 60 5.26 7.50 -32.40
C LEU A 60 5.36 6.52 -31.23
N PRO A 61 5.70 5.25 -31.52
CA PRO A 61 5.82 4.19 -30.51
C PRO A 61 6.70 4.47 -29.30
N HIS A 62 6.16 4.18 -28.12
CA HIS A 62 6.88 4.38 -26.89
C HIS A 62 6.19 3.66 -25.74
N HIS A 63 6.90 3.50 -24.63
CA HIS A 63 6.32 2.92 -23.43
C HIS A 63 6.68 3.87 -22.30
N ALA A 64 6.03 3.69 -21.16
CA ALA A 64 6.29 4.54 -20.01
C ALA A 64 6.46 3.63 -18.79
N ASP A 65 7.28 4.07 -17.82
CA ASP A 65 7.43 3.27 -16.62
C ASP A 65 6.33 3.72 -15.66
N ALA A 66 5.10 3.58 -16.12
CA ALA A 66 3.93 3.96 -15.34
C ALA A 66 2.71 3.23 -15.87
N ASP A 67 1.82 2.88 -14.94
CA ASP A 67 0.55 2.20 -15.22
C ASP A 67 -0.33 3.29 -15.86
N TYR A 68 -1.07 2.97 -16.92
CA TYR A 68 -1.91 3.97 -17.60
C TYR A 68 -3.41 3.68 -17.68
N LEU A 69 -4.21 4.70 -17.46
CA LEU A 69 -5.66 4.60 -17.59
C LEU A 69 -6.04 5.72 -18.57
N ILE A 70 -6.28 5.35 -19.83
CA ILE A 70 -6.59 6.30 -20.89
C ILE A 70 -8.09 6.53 -21.15
N VAL A 71 -8.47 7.80 -21.30
CA VAL A 71 -9.86 8.17 -21.55
C VAL A 71 -9.93 9.19 -22.69
N ILE A 72 -10.77 8.91 -23.69
CA ILE A 72 -10.93 9.80 -24.84
C ILE A 72 -12.00 10.87 -24.55
N LEU A 73 -11.59 12.14 -24.56
CA LEU A 73 -12.53 13.22 -24.32
C LEU A 73 -13.15 13.70 -25.63
N ASN A 74 -12.32 13.88 -26.65
CA ASN A 74 -12.82 14.33 -27.96
C ASN A 74 -12.21 13.57 -29.13
N GLY A 75 -13.03 13.33 -30.15
CA GLY A 75 -12.57 12.67 -31.35
C GLY A 75 -12.48 11.17 -31.34
N THR A 76 -11.67 10.66 -32.26
CA THR A 76 -11.44 9.22 -32.45
C THR A 76 -9.96 8.90 -32.44
N ALA A 77 -9.63 7.70 -31.99
CA ALA A 77 -8.25 7.28 -31.95
C ALA A 77 -8.07 5.80 -32.21
N ILE A 78 -6.98 5.47 -32.89
CA ILE A 78 -6.65 4.08 -33.10
C ILE A 78 -5.48 3.94 -32.16
N LEU A 79 -5.66 3.17 -31.09
CA LEU A 79 -4.60 2.97 -30.11
C LEU A 79 -4.13 1.55 -30.36
N THR A 80 -2.84 1.38 -30.66
CA THR A 80 -2.32 0.04 -30.93
C THR A 80 -1.22 -0.36 -29.96
N LEU A 81 -1.51 -1.40 -29.18
CA LEU A 81 -0.57 -1.93 -28.19
C LEU A 81 0.33 -2.94 -28.90
N VAL A 82 1.63 -2.72 -28.83
CA VAL A 82 2.59 -3.59 -29.48
C VAL A 82 3.29 -4.47 -28.44
N ASN A 83 2.86 -5.73 -28.35
CA ASN A 83 3.43 -6.69 -27.41
C ASN A 83 4.66 -7.37 -28.01
N ASN A 84 5.34 -8.20 -27.23
CA ASN A 84 6.55 -8.86 -27.73
C ASN A 84 6.30 -9.97 -28.74
N ASP A 85 5.07 -10.48 -28.81
CA ASP A 85 4.75 -11.53 -29.79
C ASP A 85 3.47 -11.29 -30.56
N ASP A 86 2.90 -10.08 -30.47
CA ASP A 86 1.68 -9.75 -31.20
C ASP A 86 1.21 -8.31 -30.95
N ARG A 87 0.08 -7.94 -31.53
CA ARG A 87 -0.49 -6.60 -31.38
C ARG A 87 -1.96 -6.62 -31.00
N ASP A 88 -2.41 -5.49 -30.47
CA ASP A 88 -3.81 -5.28 -30.08
C ASP A 88 -4.13 -3.83 -30.45
N SER A 89 -5.04 -3.63 -31.39
CA SER A 89 -5.40 -2.27 -31.76
C SER A 89 -6.87 -2.04 -31.41
N TYR A 90 -7.18 -0.82 -30.97
CA TYR A 90 -8.53 -0.49 -30.60
C TYR A 90 -8.99 0.83 -31.22
N ASN A 91 -10.24 0.82 -31.68
CA ASN A 91 -10.85 2.02 -32.25
C ASN A 91 -11.59 2.63 -31.08
N LEU A 92 -11.03 3.70 -30.53
CA LEU A 92 -11.61 4.38 -29.39
C LEU A 92 -12.26 5.70 -29.74
N GLN A 93 -13.45 5.94 -29.21
CA GLN A 93 -14.15 7.18 -29.46
C GLN A 93 -14.52 7.85 -28.15
N SER A 94 -15.10 9.04 -28.26
CA SER A 94 -15.48 9.84 -27.10
C SER A 94 -16.09 9.02 -25.97
N GLY A 95 -15.50 9.10 -24.79
CA GLY A 95 -16.01 8.38 -23.64
C GLY A 95 -15.38 7.01 -23.39
N ASP A 96 -14.62 6.50 -24.35
CA ASP A 96 -13.97 5.20 -24.20
C ASP A 96 -12.76 5.28 -23.28
N ALA A 97 -12.54 4.24 -22.50
CA ALA A 97 -11.41 4.19 -21.59
C ALA A 97 -10.67 2.87 -21.76
N LEU A 98 -9.35 2.91 -21.58
CA LEU A 98 -8.51 1.73 -21.71
C LEU A 98 -7.36 1.78 -20.72
N ARG A 99 -7.19 0.70 -19.96
CA ARG A 99 -6.12 0.57 -19.00
C ARG A 99 -4.93 -0.03 -19.75
N VAL A 100 -3.80 0.67 -19.77
CA VAL A 100 -2.60 0.18 -20.45
C VAL A 100 -1.50 -0.04 -19.40
N PRO A 101 -1.12 -1.31 -19.17
CA PRO A 101 -0.08 -1.64 -18.19
C PRO A 101 1.27 -0.97 -18.46
N ALA A 102 2.02 -0.69 -17.39
CA ALA A 102 3.34 -0.06 -17.52
C ALA A 102 4.24 -0.93 -18.38
N GLY A 103 5.10 -0.29 -19.17
CA GLY A 103 6.02 -1.02 -20.02
C GLY A 103 5.41 -1.56 -21.30
N THR A 104 4.19 -1.12 -21.62
CA THR A 104 3.53 -1.56 -22.85
C THR A 104 3.84 -0.55 -23.95
N THR A 105 4.51 -1.01 -25.00
CA THR A 105 4.84 -0.16 -26.14
C THR A 105 3.56 0.13 -26.96
N TYR A 106 3.33 1.39 -27.31
CA TYR A 106 2.14 1.70 -28.09
C TYR A 106 2.26 3.00 -28.89
N TYR A 107 1.33 3.17 -29.83
CA TYR A 107 1.28 4.36 -30.65
C TYR A 107 -0.18 4.76 -30.86
N VAL A 108 -0.40 6.03 -31.18
CA VAL A 108 -1.76 6.50 -31.37
C VAL A 108 -1.95 7.24 -32.69
N VAL A 109 -3.00 6.88 -33.41
CA VAL A 109 -3.35 7.50 -34.67
C VAL A 109 -4.67 8.26 -34.50
N ASN A 110 -4.76 9.46 -35.07
CA ASN A 110 -6.02 10.21 -35.05
C ASN A 110 -6.44 9.95 -36.50
N PRO A 111 -7.38 9.02 -36.71
CA PRO A 111 -7.86 8.67 -38.06
C PRO A 111 -8.89 9.61 -38.67
N ASP A 112 -9.40 10.54 -37.87
CA ASP A 112 -10.42 11.45 -38.37
C ASP A 112 -9.85 12.49 -39.34
N ASN A 113 -10.71 12.93 -40.26
CA ASN A 113 -10.33 13.92 -41.26
C ASN A 113 -10.62 15.35 -40.81
N ASP A 114 -11.45 15.51 -39.78
CA ASP A 114 -11.80 16.86 -39.31
C ASP A 114 -11.70 17.13 -37.81
N GLU A 115 -11.99 16.11 -36.99
CA GLU A 115 -11.96 16.25 -35.53
C GLU A 115 -10.59 16.08 -34.88
N ASN A 116 -10.27 16.98 -33.95
CA ASN A 116 -9.01 16.87 -33.23
C ASN A 116 -9.21 15.79 -32.17
N LEU A 117 -8.15 15.15 -31.74
CA LEU A 117 -8.27 14.13 -30.71
C LEU A 117 -7.76 14.71 -29.39
N ARG A 118 -8.45 14.38 -28.31
CA ARG A 118 -8.05 14.81 -26.98
C ARG A 118 -8.17 13.63 -26.02
N MET A 119 -7.03 13.23 -25.46
CA MET A 119 -7.00 12.12 -24.52
C MET A 119 -6.42 12.61 -23.20
N ILE A 120 -6.92 12.06 -22.11
CA ILE A 120 -6.41 12.38 -20.79
C ILE A 120 -5.96 11.05 -20.23
N THR A 121 -4.81 11.04 -19.56
CA THR A 121 -4.30 9.81 -19.00
C THR A 121 -3.92 9.94 -17.53
N LEU A 122 -4.46 9.04 -16.71
CA LEU A 122 -4.13 9.00 -15.28
C LEU A 122 -2.94 8.04 -15.24
N ALA A 123 -1.82 8.52 -14.73
CA ALA A 123 -0.62 7.68 -14.67
C ALA A 123 -0.19 7.38 -13.25
N ILE A 124 0.37 6.19 -13.06
CA ILE A 124 0.84 5.77 -11.75
C ILE A 124 2.25 5.20 -11.92
N PRO A 125 3.27 6.06 -11.78
CA PRO A 125 4.70 5.68 -11.92
C PRO A 125 5.09 4.47 -11.09
N VAL A 126 6.02 3.68 -11.61
CA VAL A 126 6.48 2.45 -10.95
C VAL A 126 7.75 2.59 -10.11
N ASN A 127 8.74 3.28 -10.64
CA ASN A 127 10.01 3.40 -9.92
C ASN A 127 10.10 4.48 -8.86
N LYS A 128 9.34 5.55 -9.05
CA LYS A 128 9.35 6.64 -8.09
C LYS A 128 7.94 7.20 -7.95
N PRO A 129 7.54 7.63 -6.73
CA PRO A 129 6.20 8.17 -6.52
C PRO A 129 5.95 9.40 -7.38
N GLY A 130 5.04 9.28 -8.34
CA GLY A 130 4.69 10.40 -9.19
C GLY A 130 5.74 10.96 -10.15
N ARG A 131 6.82 10.23 -10.38
CA ARG A 131 7.87 10.68 -11.29
C ARG A 131 8.15 9.56 -12.28
N PHE A 132 8.26 9.90 -13.57
CA PHE A 132 8.47 8.89 -14.60
C PHE A 132 8.98 9.50 -15.91
N GLU A 133 9.31 8.65 -16.86
CA GLU A 133 9.80 9.10 -18.16
C GLU A 133 9.11 8.33 -19.28
N SER A 134 9.14 8.91 -20.48
CA SER A 134 8.56 8.29 -21.67
C SER A 134 9.73 7.74 -22.47
N PHE A 135 9.64 6.49 -22.91
CA PHE A 135 10.71 5.88 -23.70
C PHE A 135 10.29 5.71 -25.16
N PHE A 136 10.73 6.61 -26.03
CA PHE A 136 10.38 6.52 -27.45
C PHE A 136 11.41 5.70 -28.19
N LEU A 137 10.94 4.76 -29.01
CA LEU A 137 11.80 3.91 -29.83
C LEU A 137 12.30 4.72 -31.01
N SER A 138 11.41 5.58 -31.50
CA SER A 138 11.72 6.44 -32.65
C SER A 138 12.96 7.28 -32.42
N SER A 139 13.41 7.94 -33.48
CA SER A 139 14.58 8.82 -33.43
C SER A 139 14.20 10.07 -34.22
N THR A 140 14.00 11.17 -33.51
CA THR A 140 13.62 12.43 -34.14
C THR A 140 14.51 13.56 -33.68
N GLN A 141 14.17 14.78 -34.11
CA GLN A 141 14.93 15.97 -33.74
C GLN A 141 14.58 16.39 -32.31
N ALA A 142 13.47 15.88 -31.79
CA ALA A 142 13.06 16.22 -30.44
C ALA A 142 13.64 15.25 -29.42
N GLN A 143 13.99 14.05 -29.87
CA GLN A 143 14.52 13.03 -28.97
C GLN A 143 15.25 11.91 -29.66
N GLN A 144 16.27 11.37 -29.00
CA GLN A 144 17.02 10.27 -29.55
C GLN A 144 16.42 8.95 -29.05
N SER A 145 16.46 7.92 -29.88
CA SER A 145 15.93 6.60 -29.55
C SER A 145 16.68 6.05 -28.32
N TYR A 146 15.97 5.36 -27.43
CA TYR A 146 16.64 4.81 -26.27
C TYR A 146 17.65 3.74 -26.69
N LEU A 147 17.53 3.29 -27.93
CA LEU A 147 18.45 2.28 -28.45
C LEU A 147 19.85 2.89 -28.55
N GLN A 148 19.91 4.22 -28.63
CA GLN A 148 21.18 4.93 -28.71
C GLN A 148 21.94 4.92 -27.39
N GLY A 149 21.29 4.43 -26.34
CA GLY A 149 21.95 4.36 -25.05
C GLY A 149 22.97 3.24 -24.96
N PHE A 150 22.88 2.28 -25.87
CA PHE A 150 23.80 1.15 -25.89
C PHE A 150 25.05 1.43 -26.73
N SER A 151 26.17 0.82 -26.36
CA SER A 151 27.43 1.03 -27.06
C SER A 151 27.44 0.43 -28.46
N LYS A 152 28.40 0.85 -29.27
CA LYS A 152 28.53 0.36 -30.64
C LYS A 152 28.78 -1.13 -30.72
N ASN A 153 29.71 -1.63 -29.92
CA ASN A 153 30.03 -3.05 -29.92
C ASN A 153 28.85 -3.91 -29.49
N ILE A 154 28.05 -3.40 -28.55
CA ILE A 154 26.87 -4.10 -28.06
C ILE A 154 25.82 -4.17 -29.16
N LEU A 155 25.51 -3.03 -29.74
CA LEU A 155 24.52 -2.94 -30.81
C LEU A 155 24.89 -3.81 -32.00
N GLU A 156 26.18 -3.88 -32.30
CA GLU A 156 26.66 -4.69 -33.42
C GLU A 156 26.40 -6.18 -33.18
N ALA A 157 26.68 -6.63 -31.97
CA ALA A 157 26.49 -8.03 -31.60
C ALA A 157 25.01 -8.41 -31.58
N SER A 158 24.19 -7.52 -31.01
CA SER A 158 22.75 -7.74 -30.91
C SER A 158 22.06 -7.87 -32.26
N TYR A 159 22.21 -6.85 -33.10
CA TYR A 159 21.56 -6.86 -34.40
C TYR A 159 22.36 -7.60 -35.44
N ASP A 160 23.56 -8.02 -35.06
CA ASP A 160 24.45 -8.80 -35.93
C ASP A 160 24.66 -8.11 -37.28
N THR A 161 24.99 -6.82 -37.23
CA THR A 161 25.24 -6.04 -38.44
C THR A 161 26.23 -4.93 -38.07
N LYS A 162 26.88 -4.35 -39.07
CA LYS A 162 27.84 -3.28 -38.82
C LYS A 162 27.15 -2.03 -38.30
N PHE A 163 27.82 -1.32 -37.40
CA PHE A 163 27.27 -0.11 -36.80
C PHE A 163 26.90 0.99 -37.81
N GLU A 164 27.61 1.03 -38.94
CA GLU A 164 27.33 2.05 -39.93
C GLU A 164 25.94 1.82 -40.52
N GLU A 165 25.48 0.58 -40.54
CA GLU A 165 24.16 0.29 -41.07
C GLU A 165 23.08 0.59 -40.02
N ILE A 166 23.31 0.11 -38.80
CA ILE A 166 22.38 0.32 -37.71
C ILE A 166 22.16 1.82 -37.52
N ASN A 167 23.26 2.56 -37.42
CA ASN A 167 23.23 4.00 -37.23
C ASN A 167 22.60 4.75 -38.38
N LYS A 168 22.62 4.16 -39.57
CA LYS A 168 22.04 4.77 -40.75
C LYS A 168 20.54 4.49 -40.84
N VAL A 169 20.15 3.26 -40.52
CA VAL A 169 18.76 2.86 -40.58
C VAL A 169 17.93 3.31 -39.38
N LEU A 170 18.50 3.25 -38.19
CA LEU A 170 17.78 3.60 -36.96
C LEU A 170 17.95 5.01 -36.39
N PHE A 171 19.20 5.48 -36.31
CA PHE A 171 19.49 6.80 -35.74
C PHE A 171 19.54 7.93 -36.77
N GLY A 172 20.46 7.82 -37.73
CA GLY A 172 20.60 8.83 -38.77
C GLY A 172 20.28 10.26 -38.37
N GLN A 185 12.25 13.15 -38.58
CA GLN A 185 11.03 13.87 -38.26
C GLN A 185 11.30 14.98 -37.26
N GLU A 186 10.50 16.03 -37.33
CA GLU A 186 10.60 17.19 -36.46
C GLU A 186 10.39 16.86 -34.99
N SER A 187 9.37 16.08 -34.68
CA SER A 187 9.08 15.71 -33.30
C SER A 187 8.38 14.35 -33.23
N VAL A 188 7.73 14.06 -32.09
CA VAL A 188 7.07 12.76 -31.92
C VAL A 188 5.66 12.64 -32.49
N ILE A 189 5.09 13.75 -32.93
CA ILE A 189 3.77 13.74 -33.54
C ILE A 189 4.04 14.03 -35.02
N VAL A 190 3.63 13.12 -35.90
CA VAL A 190 3.88 13.26 -37.33
C VAL A 190 2.63 13.08 -38.18
N GLU A 191 2.68 13.51 -39.44
CA GLU A 191 1.52 13.34 -40.32
C GLU A 191 1.53 11.94 -40.93
N ILE A 192 0.35 11.41 -41.21
CA ILE A 192 0.23 10.08 -41.81
C ILE A 192 -0.81 10.13 -42.93
N SER A 193 -0.56 9.42 -44.02
CA SER A 193 -1.46 9.40 -45.17
C SER A 193 -2.73 8.64 -44.92
N LYS A 194 -3.75 8.95 -45.71
CA LYS A 194 -5.05 8.31 -45.59
C LYS A 194 -4.96 6.85 -46.00
N LYS A 195 -3.98 6.52 -46.84
CA LYS A 195 -3.80 5.15 -47.27
C LYS A 195 -3.27 4.31 -46.11
N GLN A 196 -2.31 4.87 -45.37
CA GLN A 196 -1.69 4.20 -44.23
C GLN A 196 -2.66 4.09 -43.06
N ILE A 197 -3.49 5.12 -42.88
CA ILE A 197 -4.49 5.13 -41.81
C ILE A 197 -5.45 3.98 -42.04
N ARG A 198 -5.90 3.85 -43.28
CA ARG A 198 -6.83 2.80 -43.66
C ARG A 198 -6.24 1.41 -43.41
N GLU A 199 -4.95 1.24 -43.67
CA GLU A 199 -4.32 -0.05 -43.47
C GLU A 199 -4.11 -0.33 -41.97
N LEU A 200 -3.81 0.72 -41.20
CA LEU A 200 -3.56 0.58 -39.77
C LEU A 200 -4.82 0.48 -38.92
N SER A 201 -5.98 0.57 -39.57
CA SER A 201 -7.26 0.52 -38.87
C SER A 201 -8.05 -0.74 -39.17
N LYS A 202 -7.48 -1.62 -39.99
CA LYS A 202 -8.16 -2.84 -40.39
C LYS A 202 -8.76 -3.73 -39.30
N HIS A 203 -7.94 -4.17 -38.34
CA HIS A 203 -8.47 -5.04 -37.29
C HIS A 203 -8.66 -4.40 -35.93
N ALA A 204 -8.99 -3.12 -35.90
CA ALA A 204 -9.19 -2.43 -34.64
C ALA A 204 -10.49 -2.85 -33.96
N LYS A 205 -10.39 -3.22 -32.69
CA LYS A 205 -11.57 -3.64 -31.93
C LYS A 205 -12.13 -2.44 -31.18
N SER A 206 -13.45 -2.37 -31.06
CA SER A 206 -14.09 -1.27 -30.37
C SER A 206 -14.88 -1.74 -29.16
N SER A 207 -15.33 -0.78 -28.35
CA SER A 207 -16.10 -1.07 -27.15
C SER A 207 -17.55 -1.41 -27.44
N SER A 208 -18.22 -1.99 -26.45
CA SER A 208 -19.63 -2.36 -26.54
C SER A 208 -20.13 -2.66 -25.14
N ARG A 209 -21.45 -2.61 -24.96
CA ARG A 209 -22.06 -2.85 -23.65
C ARG A 209 -21.55 -4.13 -22.98
N LYS A 210 -21.06 -5.06 -23.79
CA LYS A 210 -20.53 -6.32 -23.27
C LYS A 210 -19.17 -6.13 -22.62
N THR A 211 -18.38 -5.20 -23.15
CA THR A 211 -17.03 -4.94 -22.62
C THR A 211 -16.99 -4.19 -21.30
N ILE A 212 -18.16 -3.81 -20.79
CA ILE A 212 -18.25 -3.09 -19.53
C ILE A 212 -17.43 -3.78 -18.43
N SER A 213 -17.46 -5.11 -18.40
CA SER A 213 -16.74 -5.86 -17.38
C SER A 213 -15.58 -6.71 -17.88
N SER A 214 -14.96 -6.28 -18.98
CA SER A 214 -13.83 -7.03 -19.54
C SER A 214 -12.53 -6.75 -18.82
N GLU A 215 -11.63 -7.73 -18.83
CA GLU A 215 -10.32 -7.61 -18.19
C GLU A 215 -9.30 -6.87 -19.07
N ASP A 216 -9.54 -6.80 -20.37
CA ASP A 216 -8.60 -6.15 -21.28
C ASP A 216 -9.18 -5.19 -22.32
N LYS A 217 -10.47 -5.33 -22.63
CA LYS A 217 -11.09 -4.47 -23.65
C LYS A 217 -11.59 -3.12 -23.18
N PRO A 218 -11.63 -2.14 -24.10
CA PRO A 218 -12.09 -0.79 -23.76
C PRO A 218 -13.58 -0.75 -23.42
N PHE A 219 -13.98 0.24 -22.63
CA PHE A 219 -15.36 0.40 -22.22
C PHE A 219 -15.75 1.88 -22.22
N ASN A 220 -16.99 2.16 -22.60
CA ASN A 220 -17.46 3.54 -22.67
C ASN A 220 -18.13 3.99 -21.36
N LEU A 221 -17.95 5.25 -20.99
CA LEU A 221 -18.54 5.75 -19.76
C LEU A 221 -20.07 5.91 -19.83
N ARG A 222 -20.62 5.93 -21.05
CA ARG A 222 -22.06 6.09 -21.20
C ARG A 222 -22.72 4.79 -21.64
N SER A 223 -22.07 3.67 -21.32
CA SER A 223 -22.57 2.35 -21.70
C SER A 223 -23.90 1.99 -21.04
N ARG A 224 -24.20 2.63 -19.92
CA ARG A 224 -25.44 2.37 -19.19
C ARG A 224 -26.22 3.65 -18.94
N ASP A 225 -27.41 3.51 -18.34
CA ASP A 225 -28.23 4.66 -18.04
C ASP A 225 -27.46 5.59 -17.10
N PRO A 226 -27.68 6.90 -17.23
CA PRO A 226 -26.96 7.81 -16.34
C PRO A 226 -27.43 7.63 -14.90
N ILE A 227 -26.58 8.01 -13.95
CA ILE A 227 -26.90 7.89 -12.53
C ILE A 227 -27.91 8.98 -12.17
N TYR A 228 -27.61 10.22 -12.56
CA TYR A 228 -28.51 11.35 -12.31
C TYR A 228 -28.91 11.83 -13.69
N SER A 229 -30.16 12.28 -13.84
CA SER A 229 -30.62 12.74 -15.16
C SER A 229 -31.91 13.53 -15.13
N ASN A 230 -31.83 14.81 -15.45
CA ASN A 230 -33.02 15.66 -15.52
C ASN A 230 -32.82 16.68 -16.65
N LYS A 231 -33.71 17.67 -16.75
CA LYS A 231 -33.60 18.65 -17.83
C LYS A 231 -32.39 19.58 -17.75
N LEU A 232 -31.71 19.64 -16.61
CA LEU A 232 -30.56 20.52 -16.48
C LEU A 232 -29.20 19.81 -16.52
N GLY A 233 -29.17 18.51 -16.26
CA GLY A 233 -27.90 17.81 -16.29
C GLY A 233 -27.97 16.28 -16.26
N LYS A 234 -26.84 15.66 -16.57
CA LYS A 234 -26.68 14.21 -16.58
C LYS A 234 -25.30 13.81 -16.04
N LEU A 235 -25.24 12.66 -15.38
CA LEU A 235 -23.97 12.14 -14.86
C LEU A 235 -23.92 10.66 -15.13
N PHE A 236 -22.87 10.21 -15.81
CA PHE A 236 -22.69 8.79 -16.11
C PHE A 236 -21.52 8.30 -15.28
N GLU A 237 -21.48 7.01 -14.99
CA GLU A 237 -20.40 6.52 -14.15
C GLU A 237 -20.07 5.03 -14.30
N ILE A 238 -18.78 4.72 -14.22
CA ILE A 238 -18.27 3.35 -14.29
C ILE A 238 -17.43 3.18 -13.03
N THR A 239 -17.70 2.12 -12.26
CA THR A 239 -16.98 1.87 -11.00
C THR A 239 -16.24 0.52 -10.95
N PRO A 240 -15.48 0.27 -9.86
CA PRO A 240 -14.73 -0.97 -9.64
C PRO A 240 -15.66 -2.17 -9.48
N GLU A 241 -16.93 -1.88 -9.23
CA GLU A 241 -17.94 -2.91 -9.05
C GLU A 241 -18.27 -3.68 -10.33
N LYS A 242 -18.31 -2.98 -11.46
CA LYS A 242 -18.62 -3.64 -12.73
C LYS A 242 -17.39 -3.92 -13.59
N ASN A 243 -16.35 -3.09 -13.45
CA ASN A 243 -15.14 -3.27 -14.24
C ASN A 243 -13.92 -3.76 -13.44
N PRO A 244 -13.31 -4.87 -13.88
CA PRO A 244 -12.14 -5.49 -13.25
C PRO A 244 -10.88 -4.62 -13.32
N GLN A 245 -10.74 -3.88 -14.42
CA GLN A 245 -9.59 -3.00 -14.62
C GLN A 245 -9.62 -1.89 -13.58
N LEU A 246 -10.79 -1.26 -13.43
CA LEU A 246 -10.97 -0.19 -12.46
C LEU A 246 -10.88 -0.71 -11.03
N ARG A 247 -11.31 -1.95 -10.80
CA ARG A 247 -11.27 -2.50 -9.44
C ARG A 247 -9.82 -2.66 -8.97
N ASP A 248 -8.94 -3.09 -9.87
CA ASP A 248 -7.53 -3.29 -9.52
C ASP A 248 -6.83 -1.96 -9.22
N LEU A 249 -7.29 -0.89 -9.85
CA LEU A 249 -6.70 0.43 -9.62
C LEU A 249 -7.50 1.16 -8.53
N ASP A 250 -8.66 0.62 -8.19
CA ASP A 250 -9.55 1.22 -7.19
C ASP A 250 -9.79 2.65 -7.67
N VAL A 251 -10.40 2.78 -8.84
CA VAL A 251 -10.67 4.07 -9.45
C VAL A 251 -12.02 4.05 -10.17
N PHE A 252 -12.76 5.15 -10.12
CA PHE A 252 -14.00 5.19 -10.89
C PHE A 252 -13.86 6.31 -11.92
N LEU A 253 -14.62 6.20 -13.00
CA LEU A 253 -14.59 7.21 -14.06
C LEU A 253 -15.99 7.72 -14.31
N SER A 254 -16.15 9.03 -14.40
CA SER A 254 -17.46 9.59 -14.66
C SER A 254 -17.35 10.82 -15.57
N VAL A 255 -18.47 11.15 -16.19
CA VAL A 255 -18.56 12.31 -17.08
C VAL A 255 -19.88 13.01 -16.78
N VAL A 256 -19.87 14.33 -16.85
CA VAL A 256 -21.07 15.12 -16.56
C VAL A 256 -21.33 16.16 -17.63
N ASP A 257 -22.62 16.36 -17.93
CA ASP A 257 -23.09 17.34 -18.90
C ASP A 257 -24.06 18.28 -18.19
N MET A 258 -23.80 19.58 -18.23
CA MET A 258 -24.67 20.56 -17.59
C MET A 258 -24.94 21.76 -18.50
N ASN A 259 -26.19 22.17 -18.60
CA ASN A 259 -26.58 23.32 -19.39
C ASN A 259 -26.11 24.57 -18.66
N GLU A 260 -26.03 25.69 -19.37
CA GLU A 260 -25.62 26.95 -18.75
C GLU A 260 -26.72 27.37 -17.76
N GLY A 261 -26.31 27.84 -16.59
CA GLY A 261 -27.29 28.24 -15.59
C GLY A 261 -27.70 27.13 -14.65
N ALA A 262 -27.09 25.95 -14.79
CA ALA A 262 -27.42 24.83 -13.92
C ALA A 262 -26.46 24.75 -12.75
N LEU A 263 -26.94 24.19 -11.65
CA LEU A 263 -26.14 24.05 -10.44
C LEU A 263 -26.14 22.61 -9.96
N PHE A 264 -24.94 22.05 -9.79
CA PHE A 264 -24.75 20.69 -9.30
C PHE A 264 -24.82 20.86 -7.78
N LEU A 265 -25.98 20.54 -7.20
CA LEU A 265 -26.22 20.72 -5.76
C LEU A 265 -25.10 20.34 -4.79
N PRO A 266 -25.04 21.01 -3.63
CA PRO A 266 -24.05 20.76 -2.59
C PRO A 266 -24.03 19.29 -2.19
N HIS A 267 -22.83 18.72 -2.17
CA HIS A 267 -22.66 17.32 -1.82
C HIS A 267 -21.18 17.06 -1.59
N PHE A 268 -20.88 15.87 -1.07
CA PHE A 268 -19.50 15.47 -0.88
C PHE A 268 -19.38 13.99 -1.18
N ASN A 269 -18.17 13.59 -1.57
CA ASN A 269 -17.87 12.19 -1.84
C ASN A 269 -17.42 11.60 -0.51
N SER A 270 -18.02 10.50 -0.10
CA SER A 270 -17.70 9.88 1.18
C SER A 270 -16.25 9.41 1.36
N LYS A 271 -15.65 8.79 0.35
CA LYS A 271 -14.28 8.32 0.51
C LYS A 271 -13.39 8.51 -0.72
N ALA A 272 -13.96 9.02 -1.81
CA ALA A 272 -13.19 9.21 -3.03
C ALA A 272 -12.56 10.60 -3.18
N ILE A 273 -11.30 10.62 -3.62
CA ILE A 273 -10.57 11.85 -3.88
C ILE A 273 -10.83 12.02 -5.38
N VAL A 274 -11.52 13.09 -5.76
CA VAL A 274 -11.89 13.32 -7.14
C VAL A 274 -11.09 14.37 -7.92
N VAL A 275 -10.58 13.96 -9.09
CA VAL A 275 -9.82 14.86 -9.95
C VAL A 275 -10.69 15.27 -11.13
N LEU A 276 -11.00 16.56 -11.22
CA LEU A 276 -11.84 17.10 -12.28
C LEU A 276 -11.06 17.65 -13.46
N VAL A 277 -11.54 17.37 -14.68
CA VAL A 277 -10.91 17.89 -15.88
C VAL A 277 -11.97 18.55 -16.76
N ILE A 278 -11.86 19.87 -16.94
CA ILE A 278 -12.84 20.61 -17.75
C ILE A 278 -12.61 20.35 -19.23
N ASN A 279 -13.58 19.70 -19.87
CA ASN A 279 -13.46 19.40 -21.29
C ASN A 279 -13.97 20.57 -22.11
N GLU A 280 -15.18 21.04 -21.78
CA GLU A 280 -15.79 22.15 -22.48
C GLU A 280 -16.61 23.04 -21.56
N GLY A 281 -16.51 24.35 -21.78
CA GLY A 281 -17.27 25.30 -20.97
C GLY A 281 -16.49 25.96 -19.86
N GLU A 282 -17.22 26.70 -19.02
CA GLU A 282 -16.62 27.40 -17.89
C GLU A 282 -17.51 27.15 -16.69
N ALA A 283 -16.97 27.31 -15.48
CA ALA A 283 -17.79 27.08 -14.30
C ALA A 283 -17.17 27.66 -13.05
N ASN A 284 -18.03 27.99 -12.10
CA ASN A 284 -17.58 28.50 -10.82
C ASN A 284 -17.73 27.33 -9.88
N ILE A 285 -16.71 27.11 -9.07
CA ILE A 285 -16.74 26.01 -8.13
C ILE A 285 -16.43 26.49 -6.72
N GLU A 286 -17.18 25.97 -5.75
CA GLU A 286 -16.97 26.31 -4.36
C GLU A 286 -16.66 25.03 -3.57
N LEU A 287 -15.61 25.08 -2.77
CA LEU A 287 -15.18 23.93 -1.98
C LEU A 287 -15.08 24.35 -0.51
N VAL A 288 -15.51 23.48 0.40
CA VAL A 288 -15.47 23.83 1.82
C VAL A 288 -14.55 22.96 2.69
N GLY A 289 -13.60 23.61 3.35
CA GLY A 289 -12.69 22.91 4.24
C GLY A 289 -12.90 23.35 5.68
N ILE A 290 -12.20 22.72 6.62
CA ILE A 290 -12.33 23.06 8.03
C ILE A 290 -11.07 23.75 8.54
N PRO A 303 -14.54 30.41 17.92
CA PRO A 303 -15.35 29.41 17.21
C PRO A 303 -14.69 28.93 15.91
N LEU A 304 -14.39 27.63 15.85
CA LEU A 304 -13.78 27.02 14.68
C LEU A 304 -14.47 27.47 13.39
N GLU A 305 -13.69 28.02 12.48
CA GLU A 305 -14.22 28.51 11.21
C GLU A 305 -13.95 27.59 10.04
N VAL A 306 -14.80 27.66 9.03
CA VAL A 306 -14.64 26.86 7.83
C VAL A 306 -13.80 27.65 6.84
N ARG A 307 -13.15 26.95 5.91
CA ARG A 307 -12.33 27.60 4.91
C ARG A 307 -13.09 27.60 3.58
N LYS A 308 -13.20 28.77 2.95
CA LYS A 308 -13.92 28.88 1.68
C LYS A 308 -12.98 28.93 0.48
N TYR A 309 -12.85 27.81 -0.24
CA TYR A 309 -12.01 27.77 -1.43
C TYR A 309 -12.90 28.08 -2.63
N ARG A 310 -12.48 29.06 -3.43
CA ARG A 310 -13.24 29.46 -4.61
C ARG A 310 -12.38 29.42 -5.86
N ALA A 311 -13.02 29.26 -7.01
CA ALA A 311 -12.28 29.22 -8.27
C ALA A 311 -13.18 29.27 -9.48
N GLU A 312 -12.68 29.88 -10.54
CA GLU A 312 -13.41 29.96 -11.80
C GLU A 312 -12.65 29.03 -12.73
N LEU A 313 -13.36 28.03 -13.27
CA LEU A 313 -12.71 27.05 -14.13
C LEU A 313 -12.98 27.28 -15.63
N SER A 314 -11.94 27.03 -16.42
CA SER A 314 -11.99 27.19 -17.87
C SER A 314 -11.67 25.84 -18.50
N GLU A 315 -11.82 25.75 -19.83
CA GLU A 315 -11.54 24.54 -20.58
C GLU A 315 -10.13 24.02 -20.34
N GLN A 316 -10.03 22.71 -20.10
CA GLN A 316 -8.74 22.05 -19.84
C GLN A 316 -8.17 22.22 -18.43
N ASP A 317 -8.86 22.99 -17.59
CA ASP A 317 -8.40 23.21 -16.22
C ASP A 317 -8.61 21.92 -15.44
N ILE A 318 -7.92 21.79 -14.31
CA ILE A 318 -8.04 20.62 -13.46
C ILE A 318 -8.38 21.11 -12.06
N PHE A 319 -9.26 20.39 -11.37
CA PHE A 319 -9.62 20.76 -10.01
C PHE A 319 -9.79 19.51 -9.15
N VAL A 320 -9.12 19.50 -8.00
CA VAL A 320 -9.16 18.38 -7.08
C VAL A 320 -10.13 18.57 -5.91
N ILE A 321 -11.00 17.58 -5.71
CA ILE A 321 -11.97 17.61 -4.63
C ILE A 321 -11.60 16.55 -3.58
N PRO A 322 -11.03 16.99 -2.44
CA PRO A 322 -10.65 16.01 -1.40
C PRO A 322 -11.88 15.28 -0.86
N ALA A 323 -11.70 14.02 -0.50
CA ALA A 323 -12.80 13.21 0.03
C ALA A 323 -13.41 13.86 1.28
N GLY A 324 -14.73 13.86 1.36
CA GLY A 324 -15.42 14.43 2.51
C GLY A 324 -15.68 15.92 2.48
N TYR A 325 -15.04 16.62 1.54
CA TYR A 325 -15.21 18.07 1.40
C TYR A 325 -16.42 18.44 0.57
N PRO A 326 -17.37 19.20 1.15
CA PRO A 326 -18.58 19.60 0.42
C PRO A 326 -18.16 20.45 -0.79
N VAL A 327 -18.88 20.31 -1.89
CA VAL A 327 -18.54 21.05 -3.10
C VAL A 327 -19.79 21.40 -3.91
N VAL A 328 -19.65 22.44 -4.73
CA VAL A 328 -20.73 22.91 -5.58
C VAL A 328 -20.14 23.36 -6.93
N VAL A 329 -20.80 22.98 -8.02
CA VAL A 329 -20.34 23.38 -9.35
C VAL A 329 -21.47 24.12 -10.07
N ASN A 330 -21.18 25.36 -10.47
CA ASN A 330 -22.15 26.20 -11.17
C ASN A 330 -21.67 26.46 -12.60
N ALA A 331 -22.42 25.93 -13.57
CA ALA A 331 -22.08 26.10 -14.98
C ALA A 331 -22.39 27.49 -15.50
N THR A 332 -21.34 28.19 -15.95
CA THR A 332 -21.47 29.53 -16.52
C THR A 332 -21.89 29.43 -17.98
N SER A 333 -21.63 28.28 -18.59
CA SER A 333 -22.00 28.03 -19.98
C SER A 333 -22.19 26.53 -20.09
N ASP A 334 -22.61 26.05 -21.26
CA ASP A 334 -22.82 24.61 -21.44
C ASP A 334 -21.53 23.90 -21.00
N LEU A 335 -21.64 23.07 -19.97
CA LEU A 335 -20.48 22.39 -19.38
C LEU A 335 -20.39 20.88 -19.54
N ASN A 336 -19.16 20.42 -19.75
CA ASN A 336 -18.87 19.00 -19.88
C ASN A 336 -17.53 18.75 -19.20
N PHE A 337 -17.52 17.90 -18.18
CA PHE A 337 -16.27 17.58 -17.53
C PHE A 337 -16.21 16.10 -17.18
N PHE A 338 -14.98 15.59 -17.04
CA PHE A 338 -14.76 14.20 -16.67
C PHE A 338 -14.15 14.19 -15.29
N ALA A 339 -14.25 13.04 -14.62
CA ALA A 339 -13.68 12.94 -13.29
C ALA A 339 -13.07 11.58 -13.05
N PHE A 340 -11.90 11.56 -12.42
CA PHE A 340 -11.22 10.33 -12.05
C PHE A 340 -11.35 10.24 -10.52
N GLY A 341 -11.93 9.16 -10.02
CA GLY A 341 -12.08 9.03 -8.59
C GLY A 341 -11.13 8.04 -7.94
N ILE A 342 -10.13 8.55 -7.22
CA ILE A 342 -9.14 7.74 -6.53
C ILE A 342 -9.72 7.25 -5.18
N ASN A 343 -9.32 6.07 -4.73
CA ASN A 343 -9.83 5.47 -3.49
C ASN A 343 -11.35 5.32 -3.64
N ALA A 344 -11.76 4.90 -4.82
CA ALA A 344 -13.17 4.77 -5.22
C ALA A 344 -14.08 3.69 -4.67
N GLU A 345 -13.55 2.54 -4.29
CA GLU A 345 -14.41 1.46 -3.82
C GLU A 345 -15.53 1.85 -2.84
N ASN A 346 -16.77 1.58 -3.23
CA ASN A 346 -17.97 1.86 -2.43
C ASN A 346 -18.12 3.33 -2.05
N ASN A 347 -17.69 4.22 -2.94
CA ASN A 347 -17.82 5.65 -2.69
C ASN A 347 -19.30 6.00 -2.70
N GLN A 348 -19.67 7.01 -1.93
CA GLN A 348 -21.07 7.42 -1.85
C GLN A 348 -21.17 8.93 -2.07
N ARG A 349 -22.18 9.36 -2.84
CA ARG A 349 -22.38 10.78 -3.05
C ARG A 349 -23.52 11.25 -2.16
N ASN A 350 -23.19 12.05 -1.16
CA ASN A 350 -24.15 12.55 -0.20
C ASN A 350 -24.48 14.02 -0.39
N PHE A 351 -25.73 14.29 -0.76
CA PHE A 351 -26.21 15.66 -1.01
C PHE A 351 -26.74 16.32 0.26
N LEU A 352 -26.61 17.63 0.29
CA LEU A 352 -27.04 18.43 1.42
C LEU A 352 -28.26 19.28 1.07
N ALA A 353 -28.73 19.14 -0.16
CA ALA A 353 -29.90 19.87 -0.63
C ALA A 353 -30.59 19.04 -1.70
N GLY A 354 -31.85 19.35 -1.97
CA GLY A 354 -32.59 18.62 -2.98
C GLY A 354 -33.48 17.54 -2.40
N SER A 355 -34.39 17.04 -3.24
CA SER A 355 -35.35 16.01 -2.84
C SER A 355 -34.86 14.58 -2.93
N LYS A 356 -33.62 14.37 -3.36
CA LYS A 356 -33.08 13.01 -3.46
C LYS A 356 -31.67 12.88 -2.88
N ASP A 357 -31.44 11.78 -2.19
CA ASP A 357 -30.15 11.49 -1.57
C ASP A 357 -29.67 12.61 -0.65
N ASN A 358 -30.62 13.28 0.00
CA ASN A 358 -30.32 14.37 0.92
C ASN A 358 -30.11 13.78 2.31
N VAL A 359 -28.87 13.79 2.79
CA VAL A 359 -28.57 13.23 4.10
C VAL A 359 -29.29 13.95 5.24
N ILE A 360 -29.41 15.27 5.15
CA ILE A 360 -30.07 16.05 6.18
C ILE A 360 -31.52 15.60 6.43
N SER A 361 -32.19 15.18 5.36
CA SER A 361 -33.58 14.73 5.47
C SER A 361 -33.66 13.36 6.11
N GLN A 362 -32.51 12.74 6.37
CA GLN A 362 -32.49 11.42 7.00
C GLN A 362 -32.23 11.50 8.51
N ILE A 363 -31.81 12.68 8.97
CA ILE A 363 -31.55 12.92 10.38
C ILE A 363 -32.90 13.15 11.05
N PRO A 364 -33.23 12.38 12.12
CA PRO A 364 -34.51 12.57 12.81
C PRO A 364 -34.73 14.01 13.32
N SER A 365 -36.01 14.42 13.41
CA SER A 365 -36.37 15.75 13.88
C SER A 365 -35.80 16.09 15.25
N GLN A 366 -35.80 15.11 16.14
CA GLN A 366 -35.26 15.32 17.48
C GLN A 366 -33.81 15.77 17.39
N VAL A 367 -33.04 15.13 16.51
CA VAL A 367 -31.63 15.48 16.35
C VAL A 367 -31.45 16.78 15.56
N GLN A 368 -32.24 16.95 14.51
CA GLN A 368 -32.14 18.17 13.71
C GLN A 368 -32.42 19.37 14.61
N GLU A 369 -33.44 19.25 15.45
CA GLU A 369 -33.83 20.34 16.35
C GLU A 369 -32.74 20.71 17.35
N LEU A 370 -31.90 19.75 17.72
CA LEU A 370 -30.82 20.01 18.66
C LEU A 370 -29.55 20.48 17.94
N ALA A 371 -29.42 20.10 16.68
CA ALA A 371 -28.25 20.47 15.88
C ALA A 371 -28.34 21.89 15.30
N PHE A 372 -29.55 22.31 14.93
CA PHE A 372 -29.73 23.63 14.34
C PHE A 372 -30.57 24.55 15.23
N PRO A 373 -30.38 25.88 15.11
CA PRO A 373 -31.13 26.85 15.90
C PRO A 373 -32.63 26.83 15.66
N GLY A 374 -33.04 26.73 14.40
CA GLY A 374 -34.44 26.70 14.05
C GLY A 374 -35.17 25.52 14.66
N SER A 375 -36.51 25.56 14.60
CA SER A 375 -37.33 24.48 15.14
C SER A 375 -37.39 23.31 14.16
N ALA A 376 -37.95 22.20 14.61
CA ALA A 376 -38.07 21.01 13.76
C ALA A 376 -38.95 21.31 12.56
N LYS A 377 -39.90 22.22 12.75
CA LYS A 377 -40.83 22.60 11.69
C LYS A 377 -40.15 23.49 10.66
N ASP A 378 -39.43 24.49 11.14
CA ASP A 378 -38.72 25.41 10.25
C ASP A 378 -37.69 24.65 9.44
N ILE A 379 -37.01 23.71 10.09
CA ILE A 379 -35.98 22.91 9.43
C ILE A 379 -36.56 22.03 8.32
N GLU A 380 -37.67 21.35 8.59
CA GLU A 380 -38.26 20.51 7.55
C GLU A 380 -38.84 21.33 6.40
N ASN A 381 -39.52 22.43 6.73
CA ASN A 381 -40.12 23.28 5.72
C ASN A 381 -39.03 23.75 4.76
N LEU A 382 -37.90 24.15 5.32
CA LEU A 382 -36.77 24.61 4.52
C LEU A 382 -36.26 23.48 3.61
N ILE A 383 -35.96 22.33 4.19
CA ILE A 383 -35.45 21.18 3.45
C ILE A 383 -36.37 20.75 2.29
N LYS A 384 -37.67 20.94 2.43
CA LYS A 384 -38.61 20.55 1.38
C LYS A 384 -38.78 21.61 0.31
N SER A 385 -38.32 22.83 0.57
CA SER A 385 -38.45 23.91 -0.41
C SER A 385 -37.95 23.54 -1.79
N GLN A 386 -36.76 22.95 -1.87
CA GLN A 386 -36.17 22.54 -3.16
C GLN A 386 -36.74 21.16 -3.52
N SER A 387 -37.67 21.16 -4.48
CA SER A 387 -38.33 19.93 -4.91
C SER A 387 -37.58 19.15 -5.99
N GLU A 388 -36.58 19.77 -6.60
CA GLU A 388 -35.79 19.11 -7.63
C GLU A 388 -34.59 18.43 -6.97
N SER A 389 -33.86 17.63 -7.73
CA SER A 389 -32.70 16.96 -7.16
C SER A 389 -31.50 16.85 -8.09
N TYR A 390 -30.31 16.84 -7.49
CA TYR A 390 -29.04 16.71 -8.21
C TYR A 390 -28.58 17.96 -8.94
N PHE A 391 -29.31 18.34 -10.00
CA PHE A 391 -29.01 19.52 -10.81
C PHE A 391 -30.21 20.48 -10.78
N VAL A 392 -29.98 21.73 -10.36
CA VAL A 392 -31.08 22.71 -10.30
C VAL A 392 -30.70 24.05 -10.94
N ASP A 393 -31.67 24.96 -11.01
CA ASP A 393 -31.45 26.28 -11.59
C ASP A 393 -30.56 27.13 -10.67
N ALA A 394 -29.48 27.67 -11.23
CA ALA A 394 -28.52 28.48 -10.46
C ALA A 394 -29.01 29.86 -10.07
N ASN B 7 26.95 6.06 -10.67
CA ASN B 7 26.00 4.97 -11.06
C ASN B 7 25.31 4.47 -9.81
N PRO B 8 24.23 5.15 -9.40
CA PRO B 8 23.45 4.80 -8.22
C PRO B 8 22.82 3.42 -8.24
N PHE B 9 22.87 2.76 -9.39
CA PHE B 9 22.29 1.43 -9.53
C PHE B 9 23.27 0.30 -9.19
N HIS B 10 24.56 0.62 -9.11
CA HIS B 10 25.57 -0.40 -8.81
C HIS B 10 25.91 -0.43 -7.33
N PHE B 11 25.89 -1.62 -6.73
CA PHE B 11 26.22 -1.80 -5.32
C PHE B 11 27.36 -2.81 -5.17
N ASN B 12 28.56 -2.32 -4.87
CA ASN B 12 29.71 -3.20 -4.67
C ASN B 12 29.94 -3.44 -3.18
N SER B 13 31.00 -4.17 -2.86
CA SER B 13 31.34 -4.51 -1.47
C SER B 13 31.37 -3.34 -0.50
N LYS B 14 31.62 -2.14 -1.02
CA LYS B 14 31.66 -0.96 -0.16
C LYS B 14 30.27 -0.56 0.33
N ARG B 15 29.24 -1.10 -0.32
CA ARG B 15 27.87 -0.79 0.02
C ARG B 15 27.27 -1.74 1.04
N PHE B 16 28.00 -2.79 1.42
CA PHE B 16 27.50 -3.74 2.39
C PHE B 16 27.95 -3.39 3.80
N GLN B 17 27.18 -3.85 4.78
CA GLN B 17 27.46 -3.59 6.18
C GLN B 17 27.57 -4.91 6.94
N THR B 18 28.69 -5.14 7.61
CA THR B 18 28.89 -6.37 8.38
C THR B 18 28.16 -6.25 9.70
N LEU B 19 27.38 -7.27 10.05
CA LEU B 19 26.66 -7.25 11.32
C LEU B 19 27.36 -8.17 12.31
N PHE B 20 27.80 -9.33 11.83
CA PHE B 20 28.48 -10.33 12.65
C PHE B 20 29.48 -11.06 11.77
N LYS B 21 30.68 -11.30 12.29
CA LYS B 21 31.71 -11.98 11.52
C LYS B 21 32.78 -12.67 12.38
N ASN B 22 33.18 -13.86 11.96
CA ASN B 22 34.24 -14.62 12.63
C ASN B 22 34.76 -15.71 11.70
N GLN B 23 35.55 -16.64 12.23
CA GLN B 23 36.13 -17.70 11.40
C GLN B 23 35.11 -18.63 10.73
N TYR B 24 33.93 -18.77 11.32
CA TYR B 24 32.91 -19.67 10.79
C TYR B 24 31.87 -19.09 9.86
N GLY B 25 31.57 -17.80 10.01
CA GLY B 25 30.56 -17.18 9.16
C GLY B 25 30.63 -15.68 9.06
N HIS B 26 29.80 -15.14 8.17
CA HIS B 26 29.75 -13.72 7.92
C HIS B 26 28.33 -13.31 7.50
N VAL B 27 27.72 -12.44 8.30
CA VAL B 27 26.39 -11.92 8.04
C VAL B 27 26.56 -10.46 7.71
N ARG B 28 26.04 -10.04 6.56
CA ARG B 28 26.15 -8.65 6.15
C ARG B 28 24.82 -8.22 5.56
N VAL B 29 24.57 -6.91 5.57
CA VAL B 29 23.33 -6.40 5.00
C VAL B 29 23.63 -5.23 4.06
N LEU B 30 22.94 -5.22 2.93
CA LEU B 30 23.11 -4.16 1.95
C LEU B 30 22.54 -2.86 2.51
N GLN B 31 23.15 -1.74 2.15
CA GLN B 31 22.66 -0.46 2.64
C GLN B 31 21.32 -0.17 2.00
N ARG B 32 20.58 0.75 2.60
CA ARG B 32 19.27 1.11 2.07
C ARG B 32 19.41 1.51 0.61
N PHE B 33 18.53 0.96 -0.23
CA PHE B 33 18.59 1.25 -1.66
C PHE B 33 18.55 2.75 -1.97
N ASN B 34 17.81 3.51 -1.18
CA ASN B 34 17.68 4.94 -1.40
C ASN B 34 18.61 5.76 -0.50
N LYS B 35 19.73 5.16 -0.12
CA LYS B 35 20.71 5.83 0.74
C LYS B 35 21.45 6.94 -0.01
N ARG B 36 22.11 6.56 -1.09
CA ARG B 36 22.88 7.51 -1.89
C ARG B 36 22.01 8.40 -2.76
N SER B 37 21.14 7.77 -3.56
CA SER B 37 20.26 8.50 -4.46
C SER B 37 18.79 8.35 -4.10
N GLN B 38 17.95 9.09 -4.82
CA GLN B 38 16.50 9.04 -4.60
C GLN B 38 15.85 8.40 -5.82
N GLN B 39 16.66 7.90 -6.74
CA GLN B 39 16.17 7.27 -7.95
C GLN B 39 15.57 5.89 -7.68
N LEU B 40 15.81 5.37 -6.49
CA LEU B 40 15.29 4.05 -6.11
C LEU B 40 14.34 4.13 -4.92
N GLN B 41 13.59 5.23 -4.86
CA GLN B 41 12.66 5.48 -3.78
C GLN B 41 11.64 4.36 -3.56
N ASN B 42 11.17 3.70 -4.62
CA ASN B 42 10.20 2.63 -4.43
C ASN B 42 10.78 1.27 -4.02
N LEU B 43 12.03 1.28 -3.56
CA LEU B 43 12.66 0.07 -3.04
C LEU B 43 12.99 0.35 -1.57
N ARG B 44 12.59 1.51 -1.09
CA ARG B 44 12.88 1.90 0.29
C ARG B 44 12.34 0.92 1.34
N ASP B 45 11.35 0.10 0.99
CA ASP B 45 10.79 -0.88 1.94
C ASP B 45 11.54 -2.20 1.95
N TYR B 46 12.55 -2.33 1.10
CA TYR B 46 13.31 -3.57 0.98
C TYR B 46 14.79 -3.46 1.39
N ARG B 47 15.35 -4.60 1.80
CA ARG B 47 16.76 -4.68 2.19
C ARG B 47 17.23 -6.07 1.78
N ILE B 48 18.51 -6.18 1.39
CA ILE B 48 19.08 -7.48 1.02
C ILE B 48 20.03 -7.91 2.13
N LEU B 49 19.87 -9.14 2.62
CA LEU B 49 20.72 -9.67 3.68
C LEU B 49 21.52 -10.83 3.08
N GLU B 50 22.80 -10.92 3.40
CA GLU B 50 23.64 -11.99 2.87
C GLU B 50 24.29 -12.83 3.97
N PHE B 51 24.33 -14.15 3.75
CA PHE B 51 24.94 -15.05 4.72
C PHE B 51 25.86 -16.07 4.05
N ASN B 52 27.06 -16.22 4.59
CA ASN B 52 28.05 -17.17 4.10
C ASN B 52 28.64 -17.88 5.30
N SER B 53 28.63 -19.21 5.27
CA SER B 53 29.19 -19.98 6.38
C SER B 53 30.01 -21.19 5.94
N LYS B 54 30.93 -21.59 6.80
CA LYS B 54 31.78 -22.74 6.55
C LYS B 54 31.02 -24.04 6.84
N PRO B 55 31.55 -25.17 6.38
CA PRO B 55 30.94 -26.48 6.59
C PRO B 55 30.81 -26.78 8.08
N ASN B 56 29.79 -27.54 8.46
CA ASN B 56 29.58 -27.90 9.86
C ASN B 56 29.45 -26.69 10.79
N THR B 57 28.56 -25.77 10.45
CA THR B 57 28.36 -24.58 11.31
C THR B 57 26.89 -24.35 11.60
N LEU B 58 26.62 -23.57 12.65
CA LEU B 58 25.27 -23.26 13.06
C LEU B 58 25.09 -21.76 13.31
N LEU B 59 24.02 -21.20 12.73
CA LEU B 59 23.66 -19.78 12.92
C LEU B 59 22.65 -19.84 14.07
N LEU B 60 23.00 -19.23 15.21
CA LEU B 60 22.15 -19.28 16.39
C LEU B 60 20.74 -18.70 16.22
N PRO B 61 19.75 -19.31 16.91
CA PRO B 61 18.35 -18.89 16.86
C PRO B 61 18.06 -17.43 17.08
N HIS B 62 17.26 -16.86 16.19
CA HIS B 62 16.87 -15.46 16.28
C HIS B 62 15.65 -15.22 15.39
N HIS B 63 15.00 -14.08 15.58
CA HIS B 63 13.88 -13.71 14.74
C HIS B 63 14.17 -12.29 14.32
N ALA B 64 13.45 -11.82 13.31
CA ALA B 64 13.63 -10.48 12.80
C ALA B 64 12.26 -9.83 12.65
N ASP B 65 12.20 -8.50 12.77
CA ASP B 65 10.95 -7.79 12.61
C ASP B 65 10.87 -7.38 11.13
N ALA B 66 10.89 -8.39 10.28
CA ALA B 66 10.85 -8.20 8.84
C ALA B 66 10.44 -9.51 8.18
N ASP B 67 9.61 -9.39 7.13
CA ASP B 67 9.15 -10.52 6.35
C ASP B 67 10.40 -10.98 5.59
N TYR B 68 10.59 -12.29 5.44
CA TYR B 68 11.77 -12.82 4.74
C TYR B 68 11.48 -13.73 3.55
N LEU B 69 12.32 -13.62 2.52
CA LEU B 69 12.24 -14.49 1.35
C LEU B 69 13.68 -15.01 1.18
N ILE B 70 13.90 -16.24 1.61
CA ILE B 70 15.23 -16.86 1.57
C ILE B 70 15.55 -17.72 0.35
N VAL B 71 16.72 -17.46 -0.23
CA VAL B 71 17.20 -18.19 -1.40
C VAL B 71 18.63 -18.71 -1.17
N ILE B 72 18.83 -19.99 -1.46
CA ILE B 72 20.14 -20.61 -1.32
C ILE B 72 20.88 -20.53 -2.66
N LEU B 73 22.00 -19.81 -2.67
CA LEU B 73 22.77 -19.69 -3.90
C LEU B 73 23.80 -20.83 -4.04
N ASN B 74 24.48 -21.16 -2.94
CA ASN B 74 25.49 -22.23 -2.93
C ASN B 74 25.38 -23.15 -1.70
N GLY B 75 25.69 -24.42 -1.89
CA GLY B 75 25.67 -25.36 -0.79
C GLY B 75 24.35 -25.98 -0.37
N THR B 76 24.27 -26.32 0.91
CA THR B 76 23.09 -26.95 1.50
C THR B 76 22.86 -26.35 2.87
N ALA B 77 21.61 -26.38 3.32
CA ALA B 77 21.29 -25.85 4.63
C ALA B 77 20.12 -26.56 5.25
N ILE B 78 20.13 -26.61 6.58
CA ILE B 78 19.02 -27.17 7.32
C ILE B 78 18.48 -25.90 7.95
N LEU B 79 17.33 -25.45 7.51
CA LEU B 79 16.70 -24.24 8.05
C LEU B 79 15.59 -24.77 8.95
N THR B 80 15.64 -24.41 10.23
CA THR B 80 14.64 -24.89 11.18
C THR B 80 13.83 -23.74 11.78
N LEU B 81 12.54 -23.75 11.50
CA LEU B 81 11.64 -22.72 12.01
C LEU B 81 11.08 -23.22 13.33
N VAL B 82 11.30 -22.44 14.39
CA VAL B 82 10.83 -22.81 15.72
C VAL B 82 9.60 -21.99 16.10
N ASN B 83 8.44 -22.62 16.03
CA ASN B 83 7.19 -21.95 16.36
C ASN B 83 6.93 -22.08 17.86
N ASN B 84 5.88 -21.42 18.35
CA ASN B 84 5.59 -21.47 19.78
C ASN B 84 5.01 -22.80 20.23
N ASP B 85 4.55 -23.60 19.27
CA ASP B 85 3.92 -24.88 19.57
C ASP B 85 4.61 -26.07 18.89
N ASP B 86 5.58 -25.80 18.02
CA ASP B 86 6.30 -26.87 17.32
C ASP B 86 7.43 -26.36 16.41
N ARG B 87 8.05 -27.28 15.68
CA ARG B 87 9.15 -26.95 14.76
C ARG B 87 8.87 -27.37 13.33
N ASP B 88 9.50 -26.67 12.40
CA ASP B 88 9.40 -26.95 10.97
C ASP B 88 10.82 -26.94 10.42
N SER B 89 11.30 -28.10 9.99
CA SER B 89 12.66 -28.19 9.48
C SER B 89 12.71 -28.46 7.97
N TYR B 90 13.64 -27.80 7.29
CA TYR B 90 13.77 -27.99 5.85
C TYR B 90 15.21 -28.14 5.38
N ASN B 91 15.42 -29.10 4.49
CA ASN B 91 16.73 -29.33 3.92
C ASN B 91 16.72 -28.54 2.61
N LEU B 92 17.46 -27.45 2.57
CA LEU B 92 17.51 -26.59 1.40
C LEU B 92 18.81 -26.72 0.61
N GLN B 93 18.66 -26.83 -0.71
CA GLN B 93 19.81 -26.93 -1.58
C GLN B 93 19.77 -25.80 -2.60
N SER B 94 20.80 -25.75 -3.43
CA SER B 94 20.96 -24.71 -4.45
C SER B 94 19.70 -24.42 -5.26
N GLY B 95 19.32 -23.14 -5.30
CA GLY B 95 18.15 -22.73 -6.04
C GLY B 95 16.84 -22.86 -5.28
N ASP B 96 16.92 -23.34 -4.03
CA ASP B 96 15.72 -23.50 -3.21
C ASP B 96 15.33 -22.19 -2.58
N ALA B 97 14.02 -21.98 -2.43
CA ALA B 97 13.53 -20.75 -1.82
C ALA B 97 12.43 -21.03 -0.82
N LEU B 98 12.34 -20.15 0.19
CA LEU B 98 11.33 -20.29 1.23
C LEU B 98 11.00 -18.91 1.82
N ARG B 99 9.71 -18.65 2.02
CA ARG B 99 9.30 -17.38 2.63
C ARG B 99 9.12 -17.63 4.12
N VAL B 100 9.76 -16.78 4.93
CA VAL B 100 9.66 -16.91 6.36
C VAL B 100 9.04 -15.63 6.93
N PRO B 101 7.80 -15.73 7.46
CA PRO B 101 7.06 -14.61 8.04
C PRO B 101 7.84 -13.89 9.14
N ALA B 102 7.58 -12.59 9.30
CA ALA B 102 8.26 -11.82 10.33
C ALA B 102 7.94 -12.39 11.71
N GLY B 103 8.90 -12.29 12.63
CA GLY B 103 8.69 -12.77 13.99
C GLY B 103 8.80 -14.27 14.18
N THR B 104 9.36 -14.96 13.18
CA THR B 104 9.53 -16.42 13.27
C THR B 104 10.96 -16.74 13.71
N THR B 105 11.10 -17.45 14.83
CA THR B 105 12.41 -17.84 15.33
C THR B 105 12.96 -19.00 14.48
N TYR B 106 14.25 -18.96 14.16
CA TYR B 106 14.85 -20.03 13.37
C TYR B 106 16.38 -20.01 13.48
N TYR B 107 16.98 -21.12 13.07
CA TYR B 107 18.44 -21.26 13.07
C TYR B 107 18.86 -21.93 11.77
N VAL B 108 20.10 -21.72 11.36
CA VAL B 108 20.57 -22.30 10.11
C VAL B 108 21.83 -23.14 10.28
N VAL B 109 21.75 -24.38 9.79
CA VAL B 109 22.87 -25.31 9.87
C VAL B 109 23.44 -25.59 8.48
N ASN B 110 24.76 -25.55 8.35
CA ASN B 110 25.40 -25.92 7.08
C ASN B 110 25.85 -27.35 7.40
N PRO B 111 25.07 -28.34 6.95
CA PRO B 111 25.38 -29.76 7.19
C PRO B 111 26.47 -30.37 6.31
N ASP B 112 26.90 -29.65 5.29
CA ASP B 112 27.92 -30.18 4.39
C ASP B 112 29.32 -30.24 4.97
N ASN B 113 30.07 -31.26 4.56
CA ASN B 113 31.43 -31.48 5.05
C ASN B 113 32.49 -30.71 4.26
N ASP B 114 32.13 -30.18 3.10
CA ASP B 114 33.09 -29.48 2.26
C ASP B 114 32.66 -28.16 1.65
N GLU B 115 31.38 -27.99 1.38
CA GLU B 115 30.87 -26.78 0.75
C GLU B 115 30.45 -25.61 1.65
N ASN B 116 30.83 -24.41 1.23
CA ASN B 116 30.46 -23.19 1.94
C ASN B 116 28.99 -22.92 1.59
N LEU B 117 28.25 -22.39 2.56
CA LEU B 117 26.85 -22.05 2.35
C LEU B 117 26.70 -20.57 2.01
N ARG B 118 25.88 -20.26 1.01
CA ARG B 118 25.64 -18.87 0.65
C ARG B 118 24.14 -18.61 0.54
N MET B 119 23.61 -17.81 1.46
CA MET B 119 22.19 -17.46 1.47
C MET B 119 22.00 -15.97 1.21
N ILE B 120 20.98 -15.65 0.42
CA ILE B 120 20.65 -14.26 0.15
C ILE B 120 19.21 -14.15 0.66
N THR B 121 18.89 -13.03 1.28
CA THR B 121 17.54 -12.85 1.81
C THR B 121 16.96 -11.49 1.45
N LEU B 122 15.75 -11.49 0.88
CA LEU B 122 15.06 -10.26 0.56
C LEU B 122 14.20 -10.02 1.80
N ALA B 123 14.39 -8.86 2.42
CA ALA B 123 13.65 -8.55 3.64
C ALA B 123 12.74 -7.33 3.48
N ILE B 124 11.57 -7.40 4.13
CA ILE B 124 10.60 -6.29 4.10
C ILE B 124 10.29 -5.96 5.57
N PRO B 125 11.00 -4.97 6.15
CA PRO B 125 10.80 -4.55 7.55
C PRO B 125 9.36 -4.13 7.86
N VAL B 126 8.92 -4.47 9.07
CA VAL B 126 7.55 -4.18 9.53
C VAL B 126 7.32 -2.85 10.24
N ASN B 127 8.19 -2.52 11.18
CA ASN B 127 8.02 -1.31 11.96
C ASN B 127 8.43 -0.01 11.27
N LYS B 128 9.47 -0.09 10.46
CA LYS B 128 9.98 1.08 9.74
C LYS B 128 10.36 0.68 8.33
N PRO B 129 10.12 1.57 7.35
CA PRO B 129 10.48 1.25 5.97
C PRO B 129 11.97 0.99 5.82
N GLY B 130 12.33 -0.25 5.47
CA GLY B 130 13.72 -0.59 5.25
C GLY B 130 14.68 -0.60 6.42
N ARG B 131 14.17 -0.50 7.65
CA ARG B 131 15.01 -0.50 8.84
C ARG B 131 14.48 -1.58 9.78
N PHE B 132 15.38 -2.39 10.34
CA PHE B 132 14.94 -3.47 11.22
C PHE B 132 16.10 -3.97 12.06
N GLU B 133 15.81 -4.91 12.95
CA GLU B 133 16.85 -5.49 13.81
C GLU B 133 16.68 -6.99 13.92
N SER B 134 17.76 -7.67 14.28
CA SER B 134 17.73 -9.12 14.46
C SER B 134 17.70 -9.36 15.96
N PHE B 135 16.81 -10.23 16.40
CA PHE B 135 16.71 -10.54 17.83
C PHE B 135 17.23 -11.95 18.14
N PHE B 136 18.45 -12.05 18.65
CA PHE B 136 19.03 -13.35 18.99
C PHE B 136 18.72 -13.76 20.43
N LEU B 137 18.30 -15.00 20.63
CA LEU B 137 18.01 -15.52 21.97
C LEU B 137 19.33 -15.81 22.67
N SER B 138 20.30 -16.27 21.89
CA SER B 138 21.63 -16.64 22.38
C SER B 138 22.32 -15.53 23.14
N SER B 139 23.38 -15.89 23.86
CA SER B 139 24.17 -14.95 24.63
C SER B 139 25.63 -15.24 24.29
N THR B 140 26.27 -14.32 23.60
CA THR B 140 27.65 -14.50 23.19
C THR B 140 28.44 -13.24 23.46
N GLN B 141 29.71 -13.25 23.07
CA GLN B 141 30.59 -12.12 23.25
C GLN B 141 30.21 -10.99 22.30
N ALA B 142 29.56 -11.33 21.19
CA ALA B 142 29.17 -10.32 20.20
C ALA B 142 27.83 -9.65 20.51
N GLN B 143 26.96 -10.31 21.25
CA GLN B 143 25.66 -9.73 21.59
C GLN B 143 24.98 -10.37 22.78
N GLN B 144 24.24 -9.58 23.53
CA GLN B 144 23.53 -10.12 24.66
C GLN B 144 22.15 -10.62 24.24
N SER B 145 21.61 -11.56 24.99
CA SER B 145 20.29 -12.13 24.73
C SER B 145 19.24 -11.04 24.96
N TYR B 146 18.21 -10.99 24.14
CA TYR B 146 17.20 -9.94 24.35
C TYR B 146 16.49 -10.13 25.67
N LEU B 147 16.70 -11.29 26.29
CA LEU B 147 16.10 -11.60 27.58
C LEU B 147 16.68 -10.69 28.67
N GLN B 148 17.92 -10.26 28.48
CA GLN B 148 18.60 -9.38 29.44
C GLN B 148 17.94 -8.01 29.48
N GLY B 149 17.03 -7.75 28.54
CA GLY B 149 16.34 -6.47 28.50
C GLY B 149 15.35 -6.33 29.64
N PHE B 150 14.95 -7.44 30.23
CA PHE B 150 13.99 -7.44 31.34
C PHE B 150 14.73 -7.36 32.68
N SER B 151 14.04 -6.86 33.71
CA SER B 151 14.61 -6.72 35.04
C SER B 151 14.67 -8.05 35.80
N LYS B 152 15.57 -8.11 36.78
CA LYS B 152 15.77 -9.30 37.59
C LYS B 152 14.47 -9.81 38.22
N ASN B 153 13.71 -8.90 38.81
CA ASN B 153 12.45 -9.27 39.44
C ASN B 153 11.43 -9.85 38.47
N ILE B 154 11.43 -9.33 37.24
CA ILE B 154 10.49 -9.80 36.22
C ILE B 154 10.93 -11.19 35.79
N LEU B 155 12.22 -11.35 35.55
CA LEU B 155 12.76 -12.64 35.13
C LEU B 155 12.59 -13.71 36.20
N GLU B 156 12.72 -13.31 37.47
CA GLU B 156 12.57 -14.25 38.58
C GLU B 156 11.12 -14.72 38.69
N ALA B 157 10.17 -13.81 38.50
CA ALA B 157 8.76 -14.17 38.59
C ALA B 157 8.35 -14.98 37.36
N SER B 158 8.85 -14.57 36.20
CA SER B 158 8.55 -15.23 34.93
C SER B 158 9.02 -16.69 34.92
N TYR B 159 10.29 -16.90 35.22
CA TYR B 159 10.86 -18.25 35.23
C TYR B 159 10.72 -18.98 36.56
N ASP B 160 10.24 -18.27 37.58
CA ASP B 160 10.05 -18.88 38.89
C ASP B 160 11.36 -19.49 39.39
N THR B 161 12.43 -18.71 39.32
CA THR B 161 13.77 -19.16 39.72
C THR B 161 14.57 -17.94 40.18
N LYS B 162 15.54 -18.15 41.08
CA LYS B 162 16.35 -17.05 41.56
C LYS B 162 17.16 -16.48 40.40
N PHE B 163 17.46 -15.20 40.44
CA PHE B 163 18.22 -14.56 39.37
C PHE B 163 19.62 -15.13 39.17
N GLU B 164 20.22 -15.65 40.23
CA GLU B 164 21.55 -16.24 40.12
C GLU B 164 21.55 -17.43 39.15
N GLU B 165 20.52 -18.26 39.22
CA GLU B 165 20.44 -19.41 38.32
C GLU B 165 20.17 -18.96 36.88
N ILE B 166 19.20 -18.07 36.71
CA ILE B 166 18.84 -17.55 35.40
C ILE B 166 20.05 -16.92 34.71
N ASN B 167 20.76 -16.07 35.44
CA ASN B 167 21.93 -15.36 34.93
C ASN B 167 23.09 -16.29 34.61
N LYS B 168 23.19 -17.39 35.35
CA LYS B 168 24.26 -18.37 35.16
C LYS B 168 23.98 -19.28 33.97
N VAL B 169 22.75 -19.78 33.89
CA VAL B 169 22.33 -20.67 32.82
C VAL B 169 22.09 -19.99 31.46
N LEU B 170 21.58 -18.76 31.47
CA LEU B 170 21.26 -18.06 30.22
C LEU B 170 22.18 -16.92 29.79
N PHE B 171 22.61 -16.09 30.73
CA PHE B 171 23.45 -14.94 30.40
C PHE B 171 24.95 -15.19 30.53
N GLY B 172 25.36 -15.75 31.65
CA GLY B 172 26.78 -16.01 31.85
C GLY B 172 27.57 -14.74 32.00
N GLN B 185 30.64 -18.38 23.58
CA GLN B 185 30.92 -18.39 22.15
C GLN B 185 31.32 -17.00 21.70
N GLU B 186 32.23 -16.93 20.74
CA GLU B 186 32.73 -15.67 20.20
C GLU B 186 31.66 -14.83 19.47
N SER B 187 30.80 -15.46 18.69
CA SER B 187 29.77 -14.75 17.96
C SER B 187 28.55 -15.64 17.68
N VAL B 188 27.68 -15.22 16.76
CA VAL B 188 26.47 -15.99 16.46
C VAL B 188 26.62 -17.15 15.49
N ILE B 189 27.82 -17.34 14.93
CA ILE B 189 28.07 -18.47 14.04
C ILE B 189 28.98 -19.38 14.85
N VAL B 190 28.57 -20.61 15.09
CA VAL B 190 29.37 -21.55 15.89
C VAL B 190 29.59 -22.90 15.22
N GLU B 191 30.58 -23.64 15.71
CA GLU B 191 30.87 -24.96 15.15
C GLU B 191 29.91 -25.96 15.78
N ILE B 192 29.60 -27.03 15.04
CA ILE B 192 28.70 -28.07 15.53
C ILE B 192 29.20 -29.44 15.05
N SER B 193 29.16 -30.43 15.93
CA SER B 193 29.65 -31.77 15.61
C SER B 193 28.81 -32.48 14.57
N LYS B 194 29.42 -33.46 13.91
CA LYS B 194 28.72 -34.23 12.89
C LYS B 194 27.63 -35.08 13.54
N LYS B 195 27.79 -35.38 14.82
CA LYS B 195 26.79 -36.15 15.52
C LYS B 195 25.54 -35.30 15.72
N GLN B 196 25.74 -34.06 16.13
CA GLN B 196 24.66 -33.12 16.36
C GLN B 196 23.95 -32.79 15.05
N ILE B 197 24.70 -32.72 13.95
CA ILE B 197 24.12 -32.41 12.65
C ILE B 197 23.19 -33.52 12.17
N ARG B 198 23.61 -34.77 12.37
CA ARG B 198 22.77 -35.90 11.94
C ARG B 198 21.48 -35.98 12.74
N GLU B 199 21.54 -35.64 14.03
CA GLU B 199 20.36 -35.68 14.89
C GLU B 199 19.42 -34.51 14.55
N LEU B 200 20.01 -33.37 14.16
CA LEU B 200 19.25 -32.17 13.83
C LEU B 200 18.69 -32.16 12.39
N SER B 201 19.01 -33.21 11.63
CA SER B 201 18.54 -33.31 10.25
C SER B 201 17.48 -34.40 10.11
N LYS B 202 17.25 -35.14 11.18
CA LYS B 202 16.30 -36.25 11.21
C LYS B 202 14.98 -36.16 10.44
N HIS B 203 14.30 -35.02 10.50
CA HIS B 203 13.03 -34.91 9.79
C HIS B 203 12.87 -33.71 8.87
N ALA B 204 13.92 -33.36 8.13
CA ALA B 204 13.86 -32.21 7.23
C ALA B 204 13.16 -32.54 5.92
N LYS B 205 12.21 -31.69 5.54
CA LYS B 205 11.48 -31.87 4.29
C LYS B 205 12.19 -31.07 3.19
N SER B 206 12.21 -31.60 1.98
CA SER B 206 12.87 -30.93 0.89
C SER B 206 11.90 -30.54 -0.23
N SER B 207 12.43 -29.85 -1.23
CA SER B 207 11.62 -29.41 -2.35
C SER B 207 11.59 -30.48 -3.43
N SER B 208 10.63 -30.34 -4.34
CA SER B 208 10.48 -31.26 -5.47
C SER B 208 9.57 -30.56 -6.47
N ARG B 209 9.54 -31.05 -7.70
CA ARG B 209 8.71 -30.46 -8.73
C ARG B 209 7.27 -30.32 -8.23
N LYS B 210 6.92 -31.14 -7.25
CA LYS B 210 5.58 -31.13 -6.68
C LYS B 210 5.31 -29.97 -5.71
N THR B 211 6.36 -29.29 -5.25
CA THR B 211 6.19 -28.17 -4.31
C THR B 211 6.36 -26.81 -4.98
N ILE B 212 6.42 -26.78 -6.31
CA ILE B 212 6.61 -25.52 -7.02
C ILE B 212 5.60 -24.44 -6.62
N SER B 213 4.37 -24.86 -6.35
CA SER B 213 3.33 -23.92 -5.98
C SER B 213 2.82 -24.21 -4.58
N SER B 214 3.73 -24.39 -3.63
CA SER B 214 3.33 -24.69 -2.27
C SER B 214 3.12 -23.47 -1.39
N GLU B 215 2.10 -23.55 -0.55
CA GLU B 215 1.77 -22.48 0.40
C GLU B 215 2.79 -22.38 1.55
N ASP B 216 3.36 -23.51 1.96
CA ASP B 216 4.29 -23.50 3.07
C ASP B 216 5.66 -24.12 2.82
N LYS B 217 5.74 -25.04 1.86
CA LYS B 217 7.01 -25.70 1.56
C LYS B 217 7.99 -24.94 0.65
N PRO B 218 9.29 -25.29 0.72
CA PRO B 218 10.29 -24.63 -0.12
C PRO B 218 10.14 -25.07 -1.58
N PHE B 219 10.56 -24.21 -2.49
CA PHE B 219 10.47 -24.54 -3.91
C PHE B 219 11.78 -24.19 -4.59
N ASN B 220 12.11 -24.95 -5.64
CA ASN B 220 13.35 -24.75 -6.39
C ASN B 220 13.13 -24.03 -7.72
N LEU B 221 14.02 -23.09 -8.03
CA LEU B 221 13.97 -22.31 -9.26
C LEU B 221 14.15 -23.11 -10.56
N ARG B 222 14.74 -24.29 -10.47
CA ARG B 222 14.97 -25.10 -11.66
C ARG B 222 14.10 -26.35 -11.63
N SER B 223 12.98 -26.24 -10.92
CA SER B 223 12.04 -27.34 -10.78
C SER B 223 11.38 -27.70 -12.10
N ARG B 224 11.31 -26.75 -13.02
CA ARG B 224 10.71 -27.00 -14.33
C ARG B 224 11.58 -26.48 -15.46
N ASP B 225 11.17 -26.72 -16.71
CA ASP B 225 11.93 -26.28 -17.86
C ASP B 225 12.26 -24.80 -17.82
N PRO B 226 13.46 -24.42 -18.32
CA PRO B 226 13.85 -23.02 -18.32
C PRO B 226 12.97 -22.25 -19.30
N ILE B 227 12.86 -20.93 -19.10
CA ILE B 227 12.04 -20.10 -19.97
C ILE B 227 12.77 -19.87 -21.29
N TYR B 228 14.04 -19.51 -21.20
CA TYR B 228 14.90 -19.27 -22.35
C TYR B 228 16.00 -20.32 -22.23
N SER B 229 16.40 -20.90 -23.36
CA SER B 229 17.45 -21.91 -23.30
C SER B 229 18.09 -22.26 -24.65
N ASN B 230 19.35 -21.91 -24.82
CA ASN B 230 20.09 -22.24 -26.03
C ASN B 230 21.55 -22.56 -25.69
N LYS B 231 22.40 -22.71 -26.70
CA LYS B 231 23.80 -23.04 -26.48
C LYS B 231 24.63 -22.06 -25.66
N LEU B 232 24.20 -20.81 -25.58
CA LEU B 232 24.97 -19.82 -24.84
C LEU B 232 24.47 -19.45 -23.45
N GLY B 233 23.18 -19.64 -23.20
CA GLY B 233 22.68 -19.27 -21.89
C GLY B 233 21.35 -19.90 -21.52
N LYS B 234 20.99 -19.74 -20.24
CA LYS B 234 19.74 -20.27 -19.70
C LYS B 234 19.17 -19.37 -18.61
N LEU B 235 17.84 -19.30 -18.54
CA LEU B 235 17.14 -18.50 -17.53
C LEU B 235 15.93 -19.30 -17.01
N PHE B 236 15.87 -19.45 -15.69
CA PHE B 236 14.75 -20.14 -15.04
C PHE B 236 13.97 -19.10 -14.28
N GLU B 237 12.68 -19.32 -14.07
CA GLU B 237 11.89 -18.32 -13.38
C GLU B 237 10.64 -18.86 -12.69
N ILE B 238 10.38 -18.36 -11.48
CA ILE B 238 9.20 -18.74 -10.72
C ILE B 238 8.47 -17.43 -10.44
N THR B 239 7.20 -17.36 -10.80
CA THR B 239 6.42 -16.16 -10.63
C THR B 239 5.22 -16.27 -9.70
N PRO B 240 4.59 -15.13 -9.39
CA PRO B 240 3.41 -15.06 -8.52
C PRO B 240 2.26 -15.88 -9.12
N GLU B 241 2.28 -16.05 -10.45
CA GLU B 241 1.24 -16.79 -11.13
C GLU B 241 1.14 -18.25 -10.70
N LYS B 242 2.27 -18.85 -10.33
CA LYS B 242 2.26 -20.24 -9.92
C LYS B 242 2.47 -20.46 -8.43
N ASN B 243 3.23 -19.59 -7.78
CA ASN B 243 3.51 -19.76 -6.36
C ASN B 243 2.79 -18.73 -5.47
N PRO B 244 2.06 -19.21 -4.45
CA PRO B 244 1.29 -18.40 -3.49
C PRO B 244 2.16 -17.51 -2.58
N GLN B 245 3.30 -18.03 -2.16
CA GLN B 245 4.20 -17.27 -1.30
C GLN B 245 4.69 -16.05 -2.06
N LEU B 246 5.10 -16.28 -3.30
CA LEU B 246 5.59 -15.23 -4.19
C LEU B 246 4.46 -14.26 -4.53
N ARG B 247 3.25 -14.79 -4.65
CA ARG B 247 2.08 -13.98 -4.97
C ARG B 247 1.75 -12.97 -3.86
N ASP B 248 1.83 -13.42 -2.62
CA ASP B 248 1.52 -12.54 -1.50
C ASP B 248 2.53 -11.40 -1.37
N LEU B 249 3.76 -11.64 -1.80
CA LEU B 249 4.81 -10.63 -1.76
C LEU B 249 4.86 -9.84 -3.07
N ASP B 250 4.21 -10.37 -4.12
CA ASP B 250 4.22 -9.74 -5.45
C ASP B 250 5.68 -9.70 -5.93
N VAL B 251 6.34 -10.86 -5.85
CA VAL B 251 7.74 -10.99 -6.22
C VAL B 251 7.99 -12.24 -7.09
N PHE B 252 8.96 -12.14 -8.01
CA PHE B 252 9.32 -13.31 -8.79
C PHE B 252 10.80 -13.57 -8.55
N LEU B 253 11.23 -14.81 -8.77
CA LEU B 253 12.61 -15.19 -8.58
C LEU B 253 13.11 -15.85 -9.86
N SER B 254 14.31 -15.51 -10.29
CA SER B 254 14.87 -16.12 -11.48
C SER B 254 16.36 -16.33 -11.31
N VAL B 255 16.92 -17.27 -12.05
CA VAL B 255 18.35 -17.56 -12.00
C VAL B 255 18.84 -17.68 -13.43
N VAL B 256 20.01 -17.10 -13.70
CA VAL B 256 20.59 -17.14 -15.04
C VAL B 256 21.99 -17.73 -15.11
N ASP B 257 22.25 -18.49 -16.17
CA ASP B 257 23.55 -19.11 -16.45
C ASP B 257 24.00 -18.68 -17.86
N MET B 258 25.18 -18.07 -17.96
CA MET B 258 25.69 -17.63 -19.25
C MET B 258 27.16 -18.04 -19.45
N ASN B 259 27.48 -18.54 -20.65
CA ASN B 259 28.85 -18.95 -20.98
C ASN B 259 29.66 -17.68 -21.21
N GLU B 260 30.98 -17.80 -21.08
CA GLU B 260 31.84 -16.63 -21.30
C GLU B 260 31.66 -16.19 -22.76
N GLY B 261 31.61 -14.88 -22.99
CA GLY B 261 31.45 -14.37 -24.33
C GLY B 261 30.00 -14.27 -24.80
N ALA B 262 29.05 -14.56 -23.92
CA ALA B 262 27.64 -14.48 -24.29
C ALA B 262 27.04 -13.13 -23.92
N LEU B 263 25.98 -12.77 -24.61
CA LEU B 263 25.29 -11.50 -24.37
C LEU B 263 23.79 -11.72 -24.19
N PHE B 264 23.23 -11.21 -23.10
CA PHE B 264 21.80 -11.31 -22.85
C PHE B 264 21.21 -10.14 -23.65
N LEU B 265 20.58 -10.45 -24.77
CA LEU B 265 20.02 -9.43 -25.66
C LEU B 265 19.26 -8.27 -25.02
N PRO B 266 19.33 -7.07 -25.63
CA PRO B 266 18.66 -5.87 -25.15
C PRO B 266 17.16 -6.12 -24.90
N HIS B 267 16.72 -5.77 -23.71
CA HIS B 267 15.33 -5.95 -23.36
C HIS B 267 15.03 -5.09 -22.15
N PHE B 268 13.77 -5.05 -21.76
CA PHE B 268 13.38 -4.33 -20.57
C PHE B 268 12.22 -5.05 -19.91
N ASN B 269 12.13 -4.90 -18.59
CA ASN B 269 11.06 -5.49 -17.82
C ASN B 269 9.97 -4.43 -17.85
N SER B 270 8.77 -4.82 -18.29
CA SER B 270 7.66 -3.88 -18.39
C SER B 270 7.22 -3.19 -17.11
N LYS B 271 7.11 -3.92 -16.01
CA LYS B 271 6.68 -3.29 -14.75
C LYS B 271 7.46 -3.69 -13.50
N ALA B 272 8.33 -4.68 -13.63
CA ALA B 272 9.10 -5.17 -12.49
C ALA B 272 10.45 -4.47 -12.27
N ILE B 273 10.74 -4.15 -11.01
CA ILE B 273 12.00 -3.52 -10.62
C ILE B 273 12.85 -4.72 -10.21
N VAL B 274 13.91 -4.99 -10.98
CA VAL B 274 14.74 -6.14 -10.72
C VAL B 274 16.05 -5.89 -9.98
N VAL B 275 16.28 -6.69 -8.94
CA VAL B 275 17.50 -6.62 -8.15
C VAL B 275 18.39 -7.82 -8.49
N LEU B 276 19.52 -7.53 -9.14
CA LEU B 276 20.47 -8.56 -9.54
C LEU B 276 21.55 -8.86 -8.49
N VAL B 277 21.85 -10.14 -8.30
CA VAL B 277 22.88 -10.58 -7.36
C VAL B 277 23.83 -11.54 -8.10
N ILE B 278 25.10 -11.15 -8.23
CA ILE B 278 26.10 -11.98 -8.93
C ILE B 278 26.63 -13.10 -8.01
N ASN B 279 26.38 -14.35 -8.39
CA ASN B 279 26.85 -15.49 -7.60
C ASN B 279 28.26 -15.91 -8.05
N GLU B 280 28.46 -16.05 -9.35
CA GLU B 280 29.75 -16.43 -9.88
C GLU B 280 30.06 -15.74 -11.20
N GLY B 281 31.33 -15.41 -11.42
CA GLY B 281 31.74 -14.76 -12.65
C GLY B 281 31.70 -13.26 -12.63
N GLU B 282 31.98 -12.66 -13.79
CA GLU B 282 31.95 -11.21 -13.94
C GLU B 282 31.17 -10.86 -15.20
N ALA B 283 30.76 -9.61 -15.31
CA ALA B 283 30.00 -9.19 -16.47
C ALA B 283 29.96 -7.68 -16.61
N ASN B 284 29.72 -7.23 -17.83
CA ASN B 284 29.60 -5.81 -18.11
C ASN B 284 28.12 -5.61 -18.33
N ILE B 285 27.58 -4.54 -17.75
CA ILE B 285 26.17 -4.27 -17.91
C ILE B 285 25.95 -2.84 -18.38
N GLU B 286 25.02 -2.68 -19.33
CA GLU B 286 24.68 -1.36 -19.85
C GLU B 286 23.20 -1.13 -19.57
N LEU B 287 22.88 0.03 -19.02
CA LEU B 287 21.51 0.41 -18.68
C LEU B 287 21.23 1.79 -19.30
N VAL B 288 20.01 2.03 -19.74
CA VAL B 288 19.71 3.34 -20.32
C VAL B 288 18.47 4.01 -19.76
N GLY B 289 18.65 5.27 -19.33
CA GLY B 289 17.57 6.05 -18.79
C GLY B 289 17.28 7.20 -19.76
N ILE B 290 16.43 8.12 -19.34
CA ILE B 290 16.07 9.26 -20.16
C ILE B 290 16.44 10.59 -19.50
N LEU B 304 16.47 15.93 -26.42
CA LEU B 304 16.40 15.10 -25.23
C LEU B 304 17.30 13.88 -25.42
N GLU B 305 18.34 13.79 -24.61
CA GLU B 305 19.28 12.69 -24.68
C GLU B 305 19.05 11.61 -23.66
N VAL B 306 19.57 10.42 -23.95
CA VAL B 306 19.43 9.28 -23.05
C VAL B 306 20.62 9.26 -22.11
N ARG B 307 20.46 8.68 -20.93
CA ARG B 307 21.55 8.57 -19.97
C ARG B 307 22.10 7.16 -20.10
N LYS B 308 23.43 7.04 -20.19
CA LYS B 308 24.06 5.73 -20.33
C LYS B 308 24.77 5.30 -19.06
N TYR B 309 24.14 4.40 -18.30
CA TYR B 309 24.75 3.90 -17.08
C TYR B 309 25.57 2.66 -17.39
N ARG B 310 26.84 2.67 -17.01
CA ARG B 310 27.72 1.55 -17.26
C ARG B 310 28.32 1.01 -15.97
N ALA B 311 28.64 -0.28 -15.96
CA ALA B 311 29.22 -0.89 -14.78
C ALA B 311 29.81 -2.27 -15.06
N GLU B 312 30.87 -2.60 -14.31
CA GLU B 312 31.52 -3.89 -14.43
C GLU B 312 31.18 -4.62 -13.14
N LEU B 313 30.56 -5.79 -13.26
CA LEU B 313 30.11 -6.56 -12.10
C LEU B 313 31.02 -7.72 -11.70
N SER B 314 31.23 -7.85 -10.40
CA SER B 314 32.08 -8.91 -9.82
C SER B 314 31.21 -9.76 -8.89
N GLU B 315 31.73 -10.93 -8.49
CA GLU B 315 31.01 -11.83 -7.60
C GLU B 315 30.52 -11.11 -6.36
N GLN B 316 29.27 -11.37 -5.99
CA GLN B 316 28.63 -10.77 -4.83
C GLN B 316 28.13 -9.34 -5.02
N ASP B 317 28.38 -8.76 -6.19
CA ASP B 317 27.90 -7.41 -6.46
C ASP B 317 26.37 -7.45 -6.63
N ILE B 318 25.75 -6.28 -6.47
CA ILE B 318 24.31 -6.15 -6.63
C ILE B 318 24.06 -5.04 -7.63
N PHE B 319 23.07 -5.22 -8.50
CA PHE B 319 22.75 -4.21 -9.49
C PHE B 319 21.23 -4.10 -9.68
N VAL B 320 20.72 -2.88 -9.56
CA VAL B 320 19.28 -2.62 -9.70
C VAL B 320 18.89 -2.20 -11.12
N ILE B 321 17.85 -2.83 -11.67
CA ILE B 321 17.36 -2.49 -13.00
C ILE B 321 15.93 -1.97 -12.87
N PRO B 322 15.74 -0.64 -12.95
CA PRO B 322 14.40 -0.06 -12.83
C PRO B 322 13.47 -0.60 -13.94
N ALA B 323 12.17 -0.63 -13.65
CA ALA B 323 11.20 -1.12 -14.62
C ALA B 323 11.13 -0.23 -15.86
N GLY B 324 11.13 -0.86 -17.04
CA GLY B 324 11.04 -0.13 -18.29
C GLY B 324 12.35 0.40 -18.86
N TYR B 325 13.43 0.22 -18.10
CA TYR B 325 14.76 0.67 -18.52
C TYR B 325 15.47 -0.39 -19.33
N PRO B 326 15.77 -0.11 -20.61
CA PRO B 326 16.46 -1.08 -21.47
C PRO B 326 17.80 -1.47 -20.81
N VAL B 327 18.17 -2.74 -20.93
CA VAL B 327 19.40 -3.24 -20.29
C VAL B 327 19.99 -4.39 -21.10
N VAL B 328 21.28 -4.64 -20.90
CA VAL B 328 21.96 -5.71 -21.60
C VAL B 328 23.06 -6.21 -20.68
N VAL B 329 23.29 -7.52 -20.68
CA VAL B 329 24.33 -8.10 -19.82
C VAL B 329 25.34 -8.91 -20.65
N ASN B 330 26.62 -8.58 -20.50
CA ASN B 330 27.70 -9.25 -21.23
C ASN B 330 28.60 -10.05 -20.28
N ALA B 331 28.56 -11.38 -20.42
CA ALA B 331 29.39 -12.24 -19.58
C ALA B 331 30.86 -12.19 -19.98
N THR B 332 31.71 -11.72 -19.06
CA THR B 332 33.15 -11.63 -19.30
C THR B 332 33.78 -12.99 -19.05
N SER B 333 33.12 -13.78 -18.21
CA SER B 333 33.55 -15.13 -17.87
C SER B 333 32.27 -15.91 -17.59
N ASP B 334 32.35 -17.23 -17.41
CA ASP B 334 31.17 -18.04 -17.13
C ASP B 334 30.40 -17.32 -16.01
N LEU B 335 29.14 -16.97 -16.29
CA LEU B 335 28.32 -16.20 -15.34
C LEU B 335 27.06 -16.86 -14.76
N ASN B 336 26.84 -16.63 -13.48
CA ASN B 336 25.66 -17.14 -12.78
C ASN B 336 25.14 -16.08 -11.82
N PHE B 337 23.91 -15.62 -12.05
CA PHE B 337 23.31 -14.63 -11.16
C PHE B 337 21.84 -14.94 -10.89
N PHE B 338 21.35 -14.41 -9.76
CA PHE B 338 19.96 -14.59 -9.35
C PHE B 338 19.32 -13.21 -9.40
N ALA B 339 18.00 -13.17 -9.48
CA ALA B 339 17.29 -11.90 -9.52
C ALA B 339 16.00 -11.92 -8.73
N PHE B 340 15.77 -10.86 -7.95
CA PHE B 340 14.54 -10.71 -7.19
C PHE B 340 13.76 -9.66 -7.97
N GLY B 341 12.53 -9.98 -8.37
CA GLY B 341 11.74 -9.01 -9.11
C GLY B 341 10.61 -8.42 -8.30
N ILE B 342 10.70 -7.12 -7.99
CA ILE B 342 9.66 -6.42 -7.23
C ILE B 342 8.55 -5.93 -8.18
N ASN B 343 7.33 -5.81 -7.67
CA ASN B 343 6.19 -5.35 -8.49
C ASN B 343 6.06 -6.28 -9.68
N ALA B 344 6.22 -7.59 -9.42
CA ALA B 344 6.23 -8.64 -10.45
C ALA B 344 4.96 -9.11 -11.16
N GLU B 345 3.80 -9.01 -10.52
CA GLU B 345 2.58 -9.49 -11.16
C GLU B 345 2.43 -9.12 -12.65
N ASN B 346 2.24 -10.13 -13.49
CA ASN B 346 2.06 -9.96 -14.94
C ASN B 346 3.19 -9.21 -15.64
N ASN B 347 4.41 -9.42 -15.18
CA ASN B 347 5.57 -8.77 -15.77
C ASN B 347 5.89 -9.41 -17.11
N GLN B 348 6.32 -8.58 -18.05
CA GLN B 348 6.64 -9.03 -19.41
C GLN B 348 8.08 -8.66 -19.75
N ARG B 349 8.79 -9.54 -20.44
CA ARG B 349 10.15 -9.24 -20.87
C ARG B 349 10.08 -8.98 -22.37
N ASN B 350 10.37 -7.74 -22.75
CA ASN B 350 10.29 -7.32 -24.14
C ASN B 350 11.68 -7.04 -24.71
N PHE B 351 12.08 -7.87 -25.67
CA PHE B 351 13.40 -7.72 -26.29
C PHE B 351 13.39 -6.73 -27.44
N LEU B 352 14.55 -6.19 -27.73
CA LEU B 352 14.70 -5.21 -28.80
C LEU B 352 15.58 -5.74 -29.94
N ALA B 353 16.04 -6.98 -29.80
CA ALA B 353 16.88 -7.62 -30.82
C ALA B 353 16.64 -9.13 -30.75
N GLY B 354 17.01 -9.86 -31.81
CA GLY B 354 16.80 -11.29 -31.80
C GLY B 354 15.55 -11.74 -32.54
N SER B 355 15.46 -13.05 -32.78
CA SER B 355 14.34 -13.64 -33.52
C SER B 355 13.10 -14.05 -32.71
N LYS B 356 13.11 -13.82 -31.40
CA LYS B 356 11.96 -14.16 -30.56
C LYS B 356 11.62 -13.07 -29.56
N ASP B 357 10.32 -12.83 -29.38
CA ASP B 357 9.82 -11.81 -28.46
C ASP B 357 10.38 -10.42 -28.74
N ASN B 358 10.62 -10.12 -30.02
CA ASN B 358 11.16 -8.82 -30.40
C ASN B 358 10.02 -7.83 -30.65
N VAL B 359 9.88 -6.84 -29.78
CA VAL B 359 8.82 -5.83 -29.90
C VAL B 359 8.88 -5.06 -31.21
N ILE B 360 10.09 -4.69 -31.63
CA ILE B 360 10.27 -3.94 -32.86
C ILE B 360 9.74 -4.66 -34.10
N SER B 361 9.83 -5.98 -34.13
CA SER B 361 9.35 -6.76 -35.26
C SER B 361 7.82 -6.85 -35.27
N GLN B 362 7.18 -6.36 -34.20
CA GLN B 362 5.73 -6.38 -34.11
C GLN B 362 5.11 -5.04 -34.52
N ILE B 363 5.97 -4.04 -34.72
CA ILE B 363 5.53 -2.71 -35.13
C ILE B 363 5.33 -2.75 -36.65
N PRO B 364 4.12 -2.42 -37.12
CA PRO B 364 3.84 -2.43 -38.56
C PRO B 364 4.90 -1.64 -39.36
N SER B 365 5.08 -2.00 -40.62
CA SER B 365 6.06 -1.31 -41.45
C SER B 365 5.71 0.14 -41.74
N GLN B 366 4.42 0.47 -41.74
CA GLN B 366 4.00 1.83 -41.97
C GLN B 366 4.51 2.70 -40.83
N VAL B 367 4.42 2.17 -39.61
CA VAL B 367 4.88 2.91 -38.43
C VAL B 367 6.40 2.86 -38.29
N GLN B 368 7.00 1.70 -38.50
CA GLN B 368 8.46 1.60 -38.40
C GLN B 368 9.07 2.65 -39.32
N GLU B 369 8.53 2.72 -40.53
CA GLU B 369 9.02 3.65 -41.55
C GLU B 369 8.88 5.13 -41.15
N LEU B 370 7.90 5.43 -40.30
CA LEU B 370 7.67 6.80 -39.86
C LEU B 370 8.47 7.16 -38.60
N ALA B 371 8.87 6.14 -37.84
CA ALA B 371 9.63 6.37 -36.61
C ALA B 371 11.15 6.28 -36.83
N PHE B 372 11.57 5.54 -37.84
CA PHE B 372 12.99 5.41 -38.14
C PHE B 372 13.33 6.01 -39.51
N PRO B 373 14.49 6.68 -39.64
CA PRO B 373 14.87 7.28 -40.92
C PRO B 373 15.07 6.29 -42.05
N GLY B 374 15.49 5.07 -41.72
CA GLY B 374 15.69 4.07 -42.75
C GLY B 374 14.35 3.71 -43.38
N SER B 375 14.40 3.03 -44.53
CA SER B 375 13.16 2.62 -45.20
C SER B 375 12.60 1.35 -44.58
N ALA B 376 11.34 1.05 -44.88
CA ALA B 376 10.69 -0.14 -44.35
C ALA B 376 11.47 -1.41 -44.69
N LYS B 377 12.10 -1.42 -45.85
CA LYS B 377 12.86 -2.57 -46.31
C LYS B 377 14.16 -2.70 -45.53
N ASP B 378 14.81 -1.56 -45.28
CA ASP B 378 16.06 -1.54 -44.54
C ASP B 378 15.87 -1.90 -43.07
N ILE B 379 14.70 -1.57 -42.53
CA ILE B 379 14.40 -1.88 -41.14
C ILE B 379 14.16 -3.37 -40.95
N GLU B 380 13.44 -4.00 -41.88
CA GLU B 380 13.16 -5.43 -41.79
C GLU B 380 14.43 -6.27 -41.95
N ASN B 381 15.26 -5.91 -42.93
CA ASN B 381 16.50 -6.64 -43.17
C ASN B 381 17.37 -6.58 -41.92
N LEU B 382 17.44 -5.41 -41.32
CA LEU B 382 18.23 -5.22 -40.11
C LEU B 382 17.72 -6.08 -38.96
N ILE B 383 16.42 -6.02 -38.70
CA ILE B 383 15.81 -6.78 -37.62
C ILE B 383 15.94 -8.29 -37.81
N LYS B 384 15.98 -8.74 -39.06
CA LYS B 384 16.10 -10.16 -39.35
C LYS B 384 17.52 -10.70 -39.36
N SER B 385 18.51 -9.82 -39.37
CA SER B 385 19.90 -10.25 -39.39
C SER B 385 20.26 -11.17 -38.23
N GLN B 386 19.71 -10.91 -37.05
CA GLN B 386 19.99 -11.75 -35.87
C GLN B 386 19.01 -12.93 -35.83
N SER B 387 19.46 -14.09 -36.29
CA SER B 387 18.62 -15.28 -36.31
C SER B 387 18.50 -15.94 -34.94
N GLU B 388 19.38 -15.56 -34.01
CA GLU B 388 19.34 -16.13 -32.66
C GLU B 388 18.46 -15.28 -31.74
N SER B 389 18.15 -15.80 -30.56
CA SER B 389 17.31 -15.08 -29.62
C SER B 389 17.70 -15.23 -28.15
N TYR B 390 17.41 -14.20 -27.36
CA TYR B 390 17.69 -14.19 -25.93
C TYR B 390 19.18 -14.06 -25.59
N PHE B 391 19.95 -15.11 -25.87
CA PHE B 391 21.39 -15.10 -25.61
C PHE B 391 22.16 -15.29 -26.94
N VAL B 392 23.04 -14.35 -27.26
CA VAL B 392 23.82 -14.43 -28.51
C VAL B 392 25.32 -14.21 -28.30
N ASP B 393 26.08 -14.45 -29.36
CA ASP B 393 27.54 -14.28 -29.32
C ASP B 393 27.88 -12.81 -29.13
N ALA B 394 28.61 -12.50 -28.07
CA ALA B 394 28.98 -11.12 -27.77
C ALA B 394 30.03 -10.56 -28.72
N ASN C 7 11.10 7.83 26.42
CA ASN C 7 10.39 6.61 25.93
C ASN C 7 9.33 7.01 24.90
N PRO C 8 9.69 6.95 23.61
CA PRO C 8 8.83 7.29 22.48
C PRO C 8 7.61 6.40 22.29
N PHE C 9 7.53 5.32 23.05
CA PHE C 9 6.42 4.41 22.91
C PHE C 9 5.30 4.71 23.91
N HIS C 10 5.63 5.47 24.95
CA HIS C 10 4.64 5.83 25.97
C HIS C 10 3.90 7.12 25.61
N PHE C 11 2.59 7.10 25.76
CA PHE C 11 1.77 8.26 25.46
C PHE C 11 0.84 8.57 26.64
N ASN C 12 1.20 9.58 27.42
CA ASN C 12 0.38 9.97 28.58
C ASN C 12 -0.55 11.11 28.17
N SER C 13 -1.33 11.61 29.11
CA SER C 13 -2.29 12.67 28.85
C SER C 13 -1.73 13.92 28.15
N LYS C 14 -0.45 14.19 28.33
CA LYS C 14 0.16 15.36 27.69
C LYS C 14 0.28 15.19 26.18
N ARG C 15 0.01 13.97 25.69
CA ARG C 15 0.12 13.70 24.26
C ARG C 15 -1.21 13.79 23.51
N PHE C 16 -2.30 13.98 24.24
CA PHE C 16 -3.61 14.10 23.61
C PHE C 16 -3.93 15.56 23.31
N GLN C 17 -4.78 15.78 22.32
CA GLN C 17 -5.18 17.12 21.91
C GLN C 17 -6.69 17.24 22.08
N THR C 18 -7.13 18.29 22.78
CA THR C 18 -8.56 18.50 22.99
C THR C 18 -9.20 19.20 21.80
N LEU C 19 -10.25 18.60 21.26
CA LEU C 19 -10.94 19.18 20.12
C LEU C 19 -12.24 19.88 20.55
N PHE C 20 -12.96 19.29 21.49
CA PHE C 20 -14.22 19.84 21.99
C PHE C 20 -14.37 19.38 23.43
N LYS C 21 -14.88 20.26 24.28
CA LYS C 21 -15.07 19.94 25.69
C LYS C 21 -16.00 20.89 26.43
N ASN C 22 -16.90 20.32 27.22
CA ASN C 22 -17.83 21.09 28.03
C ASN C 22 -18.33 20.18 29.16
N GLN C 23 -19.32 20.64 29.91
CA GLN C 23 -19.85 19.85 31.04
C GLN C 23 -20.34 18.44 30.67
N TYR C 24 -20.78 18.29 29.42
CA TYR C 24 -21.35 17.02 28.96
C TYR C 24 -20.42 16.01 28.31
N GLY C 25 -19.38 16.49 27.64
CA GLY C 25 -18.48 15.55 26.99
C GLY C 25 -17.11 16.10 26.65
N HIS C 26 -16.23 15.21 26.23
CA HIS C 26 -14.86 15.56 25.88
C HIS C 26 -14.37 14.73 24.69
N VAL C 27 -14.03 15.40 23.60
CA VAL C 27 -13.52 14.74 22.40
C VAL C 27 -12.05 15.12 22.31
N ARG C 28 -11.17 14.11 22.27
CA ARG C 28 -9.74 14.34 22.21
C ARG C 28 -9.11 13.41 21.19
N VAL C 29 -7.96 13.82 20.65
CA VAL C 29 -7.24 13.00 19.66
C VAL C 29 -5.77 12.90 20.02
N LEU C 30 -5.22 11.70 19.91
CA LEU C 30 -3.81 11.45 20.22
C LEU C 30 -2.95 12.11 19.14
N GLN C 31 -1.77 12.59 19.53
CA GLN C 31 -0.90 13.23 18.55
C GLN C 31 -0.42 12.18 17.53
N ARG C 32 0.09 12.64 16.40
CA ARG C 32 0.58 11.71 15.39
C ARG C 32 1.62 10.80 16.03
N PHE C 33 1.57 9.52 15.71
CA PHE C 33 2.49 8.53 16.28
C PHE C 33 3.96 8.80 16.01
N ASN C 34 4.27 9.35 14.84
CA ASN C 34 5.65 9.64 14.49
C ASN C 34 5.98 11.11 14.72
N LYS C 35 5.20 11.76 15.56
CA LYS C 35 5.38 13.17 15.90
C LYS C 35 6.73 13.43 16.56
N ARG C 36 6.94 12.80 17.72
CA ARG C 36 8.17 12.96 18.47
C ARG C 36 9.33 12.14 17.90
N SER C 37 9.06 10.88 17.59
CA SER C 37 10.07 9.97 17.08
C SER C 37 9.69 9.33 15.76
N GLN C 38 10.67 9.16 14.89
CA GLN C 38 10.42 8.54 13.60
C GLN C 38 10.59 7.02 13.76
N GLN C 39 10.48 6.56 15.01
CA GLN C 39 10.60 5.16 15.32
C GLN C 39 9.26 4.45 15.15
N LEU C 40 8.20 5.22 14.94
CA LEU C 40 6.87 4.67 14.74
C LEU C 40 6.37 5.09 13.36
N GLN C 41 7.30 5.12 12.42
CA GLN C 41 7.02 5.55 11.05
C GLN C 41 5.88 4.78 10.39
N ASN C 42 5.79 3.48 10.60
CA ASN C 42 4.71 2.70 9.97
C ASN C 42 3.36 2.76 10.66
N LEU C 43 3.16 3.80 11.45
CA LEU C 43 1.88 4.02 12.11
C LEU C 43 1.42 5.44 11.76
N ARG C 44 2.15 6.09 10.86
CA ARG C 44 1.83 7.46 10.45
C ARG C 44 0.47 7.61 9.78
N ASP C 45 -0.08 6.52 9.26
CA ASP C 45 -1.39 6.56 8.59
C ASP C 45 -2.55 6.52 9.59
N TYR C 46 -2.24 6.13 10.83
CA TYR C 46 -3.25 5.97 11.88
C TYR C 46 -3.28 7.07 12.96
N ARG C 47 -4.46 7.24 13.57
CA ARG C 47 -4.67 8.19 14.66
C ARG C 47 -5.67 7.56 15.62
N ILE C 48 -5.55 7.87 16.91
CA ILE C 48 -6.48 7.35 17.92
C ILE C 48 -7.35 8.51 18.38
N LEU C 49 -8.66 8.30 18.43
CA LEU C 49 -9.59 9.34 18.85
C LEU C 49 -10.29 8.86 20.11
N GLU C 50 -10.46 9.73 21.09
CA GLU C 50 -11.13 9.33 22.33
C GLU C 50 -12.36 10.18 22.62
N PHE C 51 -13.43 9.53 23.07
CA PHE C 51 -14.66 10.23 23.42
C PHE C 51 -15.20 9.75 24.77
N ASN C 52 -15.55 10.70 25.63
CA ASN C 52 -16.13 10.41 26.93
C ASN C 52 -17.30 11.36 27.14
N SER C 53 -18.47 10.82 27.47
CA SER C 53 -19.66 11.65 27.68
C SER C 53 -20.46 11.22 28.90
N LYS C 54 -21.21 12.16 29.46
CA LYS C 54 -22.04 11.89 30.64
C LYS C 54 -23.36 11.24 30.24
N PRO C 55 -24.10 10.72 31.21
CA PRO C 55 -25.39 10.07 30.95
C PRO C 55 -26.36 11.04 30.27
N ASN C 56 -27.22 10.51 29.41
CA ASN C 56 -28.20 11.33 28.69
C ASN C 56 -27.63 12.48 27.85
N THR C 57 -26.64 12.19 27.01
CA THR C 57 -26.07 13.23 26.13
C THR C 57 -26.08 12.79 24.67
N LEU C 58 -25.78 13.74 23.78
CA LEU C 58 -25.76 13.50 22.36
C LEU C 58 -24.59 14.20 21.69
N LEU C 59 -23.88 13.44 20.85
CA LEU C 59 -22.76 13.97 20.06
C LEU C 59 -23.44 14.34 18.75
N LEU C 60 -23.39 15.62 18.38
CA LEU C 60 -24.05 16.11 17.17
C LEU C 60 -23.51 15.50 15.88
N PRO C 61 -24.39 15.34 14.87
CA PRO C 61 -24.04 14.76 13.57
C PRO C 61 -22.86 15.38 12.81
N HIS C 62 -21.96 14.51 12.34
CA HIS C 62 -20.80 14.93 11.58
C HIS C 62 -20.26 13.74 10.82
N HIS C 63 -19.28 14.01 9.95
CA HIS C 63 -18.62 12.94 9.23
C HIS C 63 -17.14 13.28 9.29
N ALA C 64 -16.31 12.29 8.99
CA ALA C 64 -14.86 12.49 9.02
C ALA C 64 -14.24 11.99 7.70
N ASP C 65 -13.17 12.65 7.26
CA ASP C 65 -12.50 12.20 6.05
C ASP C 65 -11.45 11.19 6.51
N ALA C 66 -11.95 10.12 7.13
CA ALA C 66 -11.11 9.05 7.65
C ALA C 66 -11.98 7.82 7.93
N ASP C 67 -11.40 6.65 7.67
CA ASP C 67 -12.05 5.36 7.92
C ASP C 67 -12.04 5.18 9.45
N TYR C 68 -13.15 4.72 10.02
CA TYR C 68 -13.26 4.53 11.48
C TYR C 68 -13.57 3.10 11.95
N LEU C 69 -12.87 2.67 13.00
CA LEU C 69 -13.14 1.38 13.64
C LEU C 69 -13.43 1.77 15.10
N ILE C 70 -14.70 1.71 15.48
CA ILE C 70 -15.15 2.10 16.81
C ILE C 70 -15.31 0.96 17.81
N VAL C 71 -14.87 1.22 19.05
CA VAL C 71 -14.94 0.24 20.13
C VAL C 71 -15.41 0.89 21.43
N ILE C 72 -16.42 0.30 22.07
CA ILE C 72 -16.95 0.83 23.32
C ILE C 72 -16.18 0.23 24.51
N LEU C 73 -15.52 1.08 25.29
CA LEU C 73 -14.77 0.59 26.45
C LEU C 73 -15.64 0.56 27.71
N ASN C 74 -16.50 1.58 27.85
CA ASN C 74 -17.39 1.69 29.01
C ASN C 74 -18.78 2.17 28.62
N GLY C 75 -19.79 1.68 29.34
CA GLY C 75 -21.16 2.11 29.09
C GLY C 75 -21.93 1.62 27.88
N THR C 76 -22.89 2.45 27.47
CA THR C 76 -23.77 2.15 26.34
C THR C 76 -23.87 3.34 25.40
N ALA C 77 -24.07 3.05 24.13
CA ALA C 77 -24.20 4.10 23.12
C ALA C 77 -25.19 3.72 22.04
N ILE C 78 -25.91 4.72 21.55
CA ILE C 78 -26.81 4.50 20.44
C ILE C 78 -26.05 5.24 19.34
N LEU C 79 -25.41 4.48 18.47
CA LEU C 79 -24.66 5.07 17.38
C LEU C 79 -25.56 4.93 16.14
N THR C 80 -25.89 6.06 15.53
CA THR C 80 -26.77 6.06 14.36
C THR C 80 -26.07 6.59 13.12
N LEU C 81 -25.98 5.73 12.12
CA LEU C 81 -25.35 6.09 10.86
C LEU C 81 -26.45 6.67 9.96
N VAL C 82 -26.22 7.88 9.47
CA VAL C 82 -27.18 8.54 8.61
C VAL C 82 -26.71 8.52 7.17
N ASN C 83 -27.31 7.64 6.37
CA ASN C 83 -26.97 7.51 4.96
C ASN C 83 -27.79 8.50 4.15
N ASN C 84 -27.45 8.66 2.87
CA ASN C 84 -28.18 9.60 2.01
C ASN C 84 -29.60 9.16 1.68
N ASP C 85 -29.87 7.87 1.80
CA ASP C 85 -31.19 7.32 1.49
C ASP C 85 -31.88 6.66 2.70
N ASP C 86 -31.15 6.48 3.80
CA ASP C 86 -31.74 5.87 4.98
C ASP C 86 -30.86 5.95 6.22
N ARG C 87 -31.34 5.30 7.28
CA ARG C 87 -30.65 5.29 8.58
C ARG C 87 -30.39 3.88 9.09
N ASP C 88 -29.34 3.74 9.91
CA ASP C 88 -28.96 2.47 10.54
C ASP C 88 -28.49 2.80 11.96
N SER C 89 -29.23 2.37 12.97
CA SER C 89 -28.84 2.65 14.35
C SER C 89 -28.50 1.39 15.13
N TYR C 90 -27.46 1.46 15.95
CA TYR C 90 -27.04 0.33 16.74
C TYR C 90 -26.93 0.63 18.22
N ASN C 91 -27.29 -0.35 19.03
CA ASN C 91 -27.20 -0.22 20.47
C ASN C 91 -25.92 -0.98 20.79
N LEU C 92 -24.88 -0.24 21.17
CA LEU C 92 -23.58 -0.82 21.48
C LEU C 92 -23.25 -0.75 22.98
N GLN C 93 -22.70 -1.84 23.52
CA GLN C 93 -22.33 -1.89 24.92
C GLN C 93 -20.86 -2.27 25.01
N SER C 94 -20.25 -2.22 26.20
CA SER C 94 -18.83 -2.50 26.33
C SER C 94 -18.36 -3.75 25.59
N GLY C 95 -17.25 -3.59 24.85
CA GLY C 95 -16.72 -4.70 24.09
C GLY C 95 -17.22 -4.74 22.65
N ASP C 96 -18.23 -3.93 22.33
CA ASP C 96 -18.77 -3.90 20.96
C ASP C 96 -17.90 -3.01 20.08
N ALA C 97 -17.77 -3.42 18.82
CA ALA C 97 -16.97 -2.68 17.85
C ALA C 97 -17.72 -2.58 16.53
N LEU C 98 -17.47 -1.49 15.80
CA LEU C 98 -18.13 -1.29 14.52
C LEU C 98 -17.24 -0.45 13.61
N ARG C 99 -17.12 -0.85 12.35
CA ARG C 99 -16.32 -0.08 11.40
C ARG C 99 -17.26 0.89 10.68
N VAL C 100 -16.90 2.17 10.73
CA VAL C 100 -17.69 3.19 10.07
C VAL C 100 -16.85 3.80 8.97
N PRO C 101 -17.20 3.52 7.71
CA PRO C 101 -16.50 4.00 6.52
C PRO C 101 -16.37 5.54 6.49
N ALA C 102 -15.31 6.03 5.87
CA ALA C 102 -15.12 7.47 5.79
C ALA C 102 -16.30 8.12 5.06
N GLY C 103 -16.61 9.36 5.43
CA GLY C 103 -17.70 10.07 4.79
C GLY C 103 -19.09 9.71 5.27
N THR C 104 -19.17 8.93 6.34
CA THR C 104 -20.47 8.53 6.89
C THR C 104 -20.86 9.48 8.02
N THR C 105 -22.00 10.15 7.84
CA THR C 105 -22.54 11.06 8.83
C THR C 105 -23.17 10.22 9.93
N TYR C 106 -22.90 10.57 11.18
CA TYR C 106 -23.49 9.85 12.31
C TYR C 106 -23.48 10.71 13.56
N TYR C 107 -24.24 10.27 14.56
CA TYR C 107 -24.31 10.94 15.83
C TYR C 107 -24.29 9.87 16.93
N VAL C 108 -23.88 10.26 18.14
CA VAL C 108 -23.81 9.31 19.24
C VAL C 108 -24.62 9.77 20.44
N VAL C 109 -25.42 8.86 20.98
CA VAL C 109 -26.22 9.14 22.17
C VAL C 109 -25.77 8.20 23.30
N ASN C 110 -25.66 8.75 24.51
CA ASN C 110 -25.34 7.94 25.68
C ASN C 110 -26.74 7.87 26.31
N PRO C 111 -27.45 6.75 26.14
CA PRO C 111 -28.80 6.55 26.67
C PRO C 111 -28.89 6.19 28.15
N ASP C 112 -27.79 5.75 28.74
CA ASP C 112 -27.82 5.36 30.14
C ASP C 112 -28.12 6.51 31.10
N ASN C 113 -28.71 6.16 32.24
CA ASN C 113 -29.07 7.14 33.27
C ASN C 113 -27.98 7.41 34.28
N ASP C 114 -27.00 6.51 34.39
CA ASP C 114 -25.94 6.69 35.37
C ASP C 114 -24.52 6.46 34.89
N GLU C 115 -24.35 5.65 33.84
CA GLU C 115 -23.02 5.33 33.34
C GLU C 115 -22.45 6.23 32.24
N ASN C 116 -21.19 6.63 32.43
CA ASN C 116 -20.48 7.46 31.47
C ASN C 116 -20.09 6.57 30.28
N LEU C 117 -20.14 7.13 29.08
CA LEU C 117 -19.76 6.39 27.88
C LEU C 117 -18.31 6.71 27.54
N ARG C 118 -17.54 5.69 27.16
CA ARG C 118 -16.16 5.92 26.74
C ARG C 118 -15.90 5.15 25.45
N MET C 119 -15.58 5.87 24.40
CA MET C 119 -15.32 5.25 23.10
C MET C 119 -13.90 5.54 22.64
N ILE C 120 -13.31 4.58 21.94
CA ILE C 120 -11.98 4.74 21.38
C ILE C 120 -12.14 4.43 19.90
N THR C 121 -11.56 5.26 19.06
CA THR C 121 -11.67 5.04 17.63
C THR C 121 -10.32 5.01 16.96
N LEU C 122 -10.12 4.00 16.12
CA LEU C 122 -8.90 3.90 15.35
C LEU C 122 -9.28 4.57 14.04
N ALA C 123 -8.56 5.62 13.68
CA ALA C 123 -8.87 6.35 12.47
C ALA C 123 -7.81 6.19 11.41
N ILE C 124 -8.22 6.22 10.14
CA ILE C 124 -7.28 6.11 9.04
C ILE C 124 -7.64 7.18 8.00
N PRO C 125 -7.01 8.36 8.09
CA PRO C 125 -7.22 9.50 7.19
C PRO C 125 -7.07 9.15 5.72
N VAL C 126 -7.92 9.73 4.89
CA VAL C 126 -7.97 9.50 3.45
C VAL C 126 -7.12 10.45 2.58
N ASN C 127 -7.21 11.75 2.86
CA ASN C 127 -6.51 12.75 2.06
C ASN C 127 -5.04 13.00 2.39
N LYS C 128 -4.68 12.82 3.66
CA LYS C 128 -3.31 13.01 4.10
C LYS C 128 -2.99 11.93 5.13
N PRO C 129 -1.74 11.44 5.13
CA PRO C 129 -1.33 10.39 6.08
C PRO C 129 -1.45 10.86 7.53
N GLY C 130 -2.42 10.31 8.26
CA GLY C 130 -2.58 10.65 9.66
C GLY C 130 -3.05 12.05 10.01
N ARG C 131 -3.66 12.73 9.04
CA ARG C 131 -4.17 14.09 9.26
C ARG C 131 -5.57 14.17 8.67
N PHE C 132 -6.54 14.61 9.47
CA PHE C 132 -7.92 14.69 9.01
C PHE C 132 -8.68 15.75 9.79
N GLU C 133 -9.93 15.95 9.41
CA GLU C 133 -10.79 16.91 10.08
C GLU C 133 -12.19 16.33 10.29
N SER C 134 -12.91 16.87 11.25
CA SER C 134 -14.27 16.44 11.56
C SER C 134 -15.21 17.47 10.91
N PHE C 135 -16.21 17.01 10.17
CA PHE C 135 -17.15 17.92 9.54
C PHE C 135 -18.51 17.89 10.25
N PHE C 136 -18.78 18.89 11.08
CA PHE C 136 -20.05 18.96 11.80
C PHE C 136 -21.08 19.77 11.03
N LEU C 137 -22.28 19.19 10.86
CA LEU C 137 -23.37 19.85 10.16
C LEU C 137 -23.97 20.92 11.08
N SER C 138 -23.93 20.65 12.37
CA SER C 138 -24.49 21.54 13.38
C SER C 138 -23.87 22.92 13.37
N SER C 139 -24.50 23.84 14.10
CA SER C 139 -24.05 25.22 14.22
C SER C 139 -24.11 25.58 15.70
N THR C 140 -22.95 25.68 16.33
CA THR C 140 -22.88 25.99 17.75
C THR C 140 -21.83 27.07 17.99
N GLN C 141 -21.62 27.38 19.27
CA GLN C 141 -20.65 28.38 19.67
C GLN C 141 -19.21 27.89 19.47
N ALA C 142 -19.01 26.58 19.46
CA ALA C 142 -17.67 26.03 19.29
C ALA C 142 -17.31 25.80 17.82
N GLN C 143 -18.28 25.85 16.92
CA GLN C 143 -17.99 25.63 15.50
C GLN C 143 -19.16 25.96 14.57
N GLN C 144 -18.82 26.46 13.39
CA GLN C 144 -19.85 26.78 12.41
C GLN C 144 -20.12 25.57 11.51
N SER C 145 -21.33 25.50 10.99
CA SER C 145 -21.73 24.42 10.10
C SER C 145 -20.89 24.52 8.82
N TYR C 146 -20.54 23.39 8.22
CA TYR C 146 -19.75 23.45 6.99
C TYR C 146 -20.60 24.00 5.86
N LEU C 147 -21.90 24.14 6.12
CA LEU C 147 -22.80 24.69 5.12
C LEU C 147 -22.52 26.17 4.92
N GLN C 148 -22.03 26.82 5.97
CA GLN C 148 -21.70 28.25 5.91
C GLN C 148 -20.52 28.51 5.00
N GLY C 149 -19.94 27.45 4.45
CA GLY C 149 -18.81 27.61 3.54
C GLY C 149 -19.24 28.02 2.14
N PHE C 150 -20.51 27.80 1.83
CA PHE C 150 -21.03 28.15 0.51
C PHE C 150 -21.53 29.61 0.52
N SER C 151 -21.50 30.25 -0.64
CA SER C 151 -21.94 31.64 -0.75
C SER C 151 -23.45 31.74 -0.59
N LYS C 152 -23.92 32.96 -0.32
CA LYS C 152 -25.34 33.21 -0.12
C LYS C 152 -26.18 32.89 -1.34
N ASN C 153 -25.71 33.32 -2.51
CA ASN C 153 -26.44 33.04 -3.75
C ASN C 153 -26.53 31.54 -4.03
N ILE C 154 -25.43 30.84 -3.78
CA ILE C 154 -25.40 29.39 -3.98
C ILE C 154 -26.40 28.74 -3.06
N LEU C 155 -26.35 29.10 -1.78
CA LEU C 155 -27.27 28.55 -0.79
C LEU C 155 -28.73 28.87 -1.13
N GLU C 156 -28.98 30.08 -1.62
CA GLU C 156 -30.35 30.46 -1.98
C GLU C 156 -30.89 29.58 -3.10
N ALA C 157 -30.08 29.36 -4.14
CA ALA C 157 -30.50 28.53 -5.26
C ALA C 157 -30.62 27.06 -4.85
N SER C 158 -29.66 26.60 -4.05
CA SER C 158 -29.66 25.22 -3.58
C SER C 158 -30.91 24.90 -2.75
N TYR C 159 -31.19 25.73 -1.76
CA TYR C 159 -32.34 25.50 -0.89
C TYR C 159 -33.63 26.19 -1.34
N ASP C 160 -33.54 26.98 -2.41
CA ASP C 160 -34.69 27.68 -2.95
C ASP C 160 -35.39 28.50 -1.87
N THR C 161 -34.61 29.25 -1.11
CA THR C 161 -35.15 30.07 -0.03
C THR C 161 -34.27 31.32 0.12
N LYS C 162 -34.83 32.37 0.72
CA LYS C 162 -34.08 33.59 0.94
C LYS C 162 -33.00 33.28 1.97
N PHE C 163 -31.83 33.89 1.81
CA PHE C 163 -30.74 33.68 2.74
C PHE C 163 -31.10 34.06 4.17
N GLU C 164 -32.07 34.97 4.34
CA GLU C 164 -32.46 35.38 5.68
C GLU C 164 -33.13 34.23 6.43
N GLU C 165 -33.82 33.36 5.71
CA GLU C 165 -34.48 32.22 6.35
C GLU C 165 -33.45 31.14 6.66
N ILE C 166 -32.61 30.83 5.66
CA ILE C 166 -31.56 29.82 5.82
C ILE C 166 -30.69 30.17 7.03
N ASN C 167 -30.14 31.37 7.02
CA ASN C 167 -29.28 31.82 8.11
C ASN C 167 -29.97 31.77 9.46
N LYS C 168 -31.29 31.96 9.47
CA LYS C 168 -32.06 31.95 10.70
C LYS C 168 -32.28 30.55 11.26
N VAL C 169 -32.67 29.63 10.38
CA VAL C 169 -32.95 28.25 10.76
C VAL C 169 -31.72 27.35 10.92
N LEU C 170 -30.76 27.48 10.01
CA LEU C 170 -29.56 26.64 10.03
C LEU C 170 -28.33 27.21 10.72
N PHE C 171 -28.07 28.51 10.56
CA PHE C 171 -26.89 29.13 11.15
C PHE C 171 -27.17 29.82 12.49
N GLY C 172 -28.12 30.75 12.48
CA GLY C 172 -28.48 31.47 13.70
C GLY C 172 -27.29 31.96 14.50
N GLN C 185 -26.33 26.14 21.00
CA GLN C 185 -25.67 25.24 21.94
C GLN C 185 -24.22 25.66 22.13
N GLU C 186 -23.70 25.44 23.34
CA GLU C 186 -22.32 25.80 23.67
C GLU C 186 -21.26 24.99 22.92
N SER C 187 -21.54 23.72 22.65
CA SER C 187 -20.56 22.88 21.96
C SER C 187 -21.21 21.72 21.22
N VAL C 188 -20.41 20.77 20.75
CA VAL C 188 -20.94 19.64 20.00
C VAL C 188 -21.55 18.52 20.83
N ILE C 189 -21.42 18.60 22.15
CA ILE C 189 -22.01 17.60 23.03
C ILE C 189 -23.14 18.34 23.77
N VAL C 190 -24.36 17.80 23.70
CA VAL C 190 -25.50 18.45 24.34
C VAL C 190 -26.37 17.49 25.15
N GLU C 191 -27.23 18.04 26.00
CA GLU C 191 -28.09 17.19 26.82
C GLU C 191 -29.31 16.83 25.96
N ILE C 192 -29.91 15.67 26.26
CA ILE C 192 -31.07 15.21 25.52
C ILE C 192 -32.09 14.56 26.49
N SER C 193 -33.36 14.93 26.36
CA SER C 193 -34.39 14.41 27.24
C SER C 193 -34.53 12.89 27.15
N LYS C 194 -35.15 12.30 28.18
CA LYS C 194 -35.35 10.86 28.24
C LYS C 194 -36.43 10.44 27.27
N LYS C 195 -37.34 11.35 26.96
CA LYS C 195 -38.41 11.06 26.01
C LYS C 195 -37.79 10.89 24.62
N GLN C 196 -36.91 11.82 24.27
CA GLN C 196 -36.24 11.79 22.99
C GLN C 196 -35.28 10.59 22.89
N ILE C 197 -34.55 10.31 23.98
CA ILE C 197 -33.63 9.18 24.00
C ILE C 197 -34.41 7.92 23.66
N ARG C 198 -35.60 7.82 24.24
CA ARG C 198 -36.49 6.69 24.02
C ARG C 198 -36.94 6.59 22.55
N GLU C 199 -37.27 7.74 21.96
CA GLU C 199 -37.71 7.75 20.56
C GLU C 199 -36.57 7.43 19.59
N LEU C 200 -35.34 7.76 19.97
CA LEU C 200 -34.19 7.49 19.11
C LEU C 200 -33.59 6.09 19.31
N SER C 201 -34.04 5.39 20.34
CA SER C 201 -33.51 4.06 20.65
C SER C 201 -34.34 2.93 20.06
N LYS C 202 -35.42 3.28 19.36
CA LYS C 202 -36.27 2.27 18.75
C LYS C 202 -35.59 1.68 17.50
N HIS C 203 -35.79 0.39 17.28
CA HIS C 203 -35.24 -0.27 16.11
C HIS C 203 -33.73 -0.43 16.10
N ALA C 204 -33.06 0.00 17.17
CA ALA C 204 -31.61 -0.12 17.22
C ALA C 204 -31.22 -1.59 17.27
N LYS C 205 -30.33 -2.00 16.37
CA LYS C 205 -29.88 -3.39 16.31
C LYS C 205 -28.63 -3.59 17.19
N SER C 206 -28.51 -4.78 17.78
CA SER C 206 -27.37 -5.07 18.62
C SER C 206 -26.57 -6.27 18.14
N SER C 207 -25.43 -6.52 18.78
CA SER C 207 -24.59 -7.64 18.42
C SER C 207 -25.07 -8.92 19.08
N SER C 208 -24.57 -10.04 18.58
CA SER C 208 -24.89 -11.37 19.10
C SER C 208 -23.80 -12.29 18.56
N ARG C 209 -23.71 -13.49 19.12
CA ARG C 209 -22.71 -14.46 18.71
C ARG C 209 -22.60 -14.62 17.19
N LYS C 210 -23.72 -14.44 16.50
CA LYS C 210 -23.76 -14.58 15.05
C LYS C 210 -23.09 -13.45 14.27
N THR C 211 -23.11 -12.23 14.80
CA THR C 211 -22.51 -11.08 14.09
C THR C 211 -20.99 -11.01 14.09
N ILE C 212 -20.32 -12.01 14.65
CA ILE C 212 -18.87 -12.03 14.68
C ILE C 212 -18.30 -11.97 13.26
N SER C 213 -19.02 -12.57 12.32
CA SER C 213 -18.57 -12.58 10.93
C SER C 213 -19.44 -11.76 9.99
N SER C 214 -20.00 -10.67 10.50
CA SER C 214 -20.84 -9.80 9.69
C SER C 214 -20.04 -8.75 8.93
N GLU C 215 -20.50 -8.42 7.73
CA GLU C 215 -19.85 -7.43 6.88
C GLU C 215 -20.16 -6.00 7.32
N ASP C 216 -21.22 -5.81 8.12
CA ASP C 216 -21.58 -4.47 8.55
C ASP C 216 -22.15 -4.32 9.96
N LYS C 217 -22.57 -5.41 10.58
CA LYS C 217 -23.11 -5.34 11.93
C LYS C 217 -22.03 -5.33 13.01
N PRO C 218 -22.34 -4.77 14.19
CA PRO C 218 -21.38 -4.70 15.30
C PRO C 218 -21.09 -6.10 15.88
N PHE C 219 -19.92 -6.24 16.48
CA PHE C 219 -19.51 -7.51 17.08
C PHE C 219 -18.79 -7.26 18.41
N ASN C 220 -18.98 -8.17 19.35
CA ASN C 220 -18.39 -8.05 20.68
C ASN C 220 -17.08 -8.83 20.83
N LEU C 221 -16.08 -8.19 21.43
CA LEU C 221 -14.78 -8.84 21.62
C LEU C 221 -14.83 -10.08 22.51
N ARG C 222 -15.88 -10.21 23.33
CA ARG C 222 -16.00 -11.36 24.21
C ARG C 222 -17.05 -12.37 23.74
N SER C 223 -17.41 -12.28 22.46
CA SER C 223 -18.41 -13.15 21.86
C SER C 223 -18.10 -14.63 22.01
N ARG C 224 -16.83 -14.97 22.09
CA ARG C 224 -16.45 -16.36 22.24
C ARG C 224 -15.49 -16.57 23.40
N ASP C 225 -15.15 -17.83 23.67
CA ASP C 225 -14.26 -18.14 24.76
C ASP C 225 -12.95 -17.37 24.64
N PRO C 226 -12.38 -16.96 25.78
CA PRO C 226 -11.11 -16.22 25.78
C PRO C 226 -10.02 -17.11 25.19
N ILE C 227 -8.93 -16.49 24.75
CA ILE C 227 -7.82 -17.23 24.16
C ILE C 227 -6.97 -17.82 25.28
N TYR C 228 -6.67 -16.99 26.28
CA TYR C 228 -5.89 -17.41 27.45
C TYR C 228 -6.84 -17.19 28.62
N SER C 229 -6.80 -18.08 29.61
CA SER C 229 -7.69 -17.92 30.75
C SER C 229 -7.30 -18.76 31.97
N ASN C 230 -7.03 -18.08 33.08
CA ASN C 230 -6.70 -18.77 34.32
C ASN C 230 -7.07 -17.90 35.52
N LYS C 231 -6.79 -18.38 36.73
CA LYS C 231 -7.12 -17.63 37.93
C LYS C 231 -6.57 -16.21 38.00
N LEU C 232 -5.58 -15.87 37.17
CA LEU C 232 -5.01 -14.53 37.24
C LEU C 232 -5.31 -13.61 36.06
N GLY C 233 -5.81 -14.15 34.96
CA GLY C 233 -6.09 -13.31 33.82
C GLY C 233 -6.84 -13.94 32.67
N LYS C 234 -7.36 -13.08 31.81
CA LYS C 234 -8.13 -13.47 30.62
C LYS C 234 -7.78 -12.54 29.46
N LEU C 235 -7.76 -13.08 28.24
CA LEU C 235 -7.50 -12.30 27.03
C LEU C 235 -8.48 -12.80 25.98
N PHE C 236 -9.25 -11.88 25.40
CA PHE C 236 -10.22 -12.21 24.36
C PHE C 236 -9.70 -11.62 23.06
N GLU C 237 -10.07 -12.22 21.94
CA GLU C 237 -9.57 -11.70 20.67
C GLU C 237 -10.44 -11.99 19.47
N ILE C 238 -10.56 -10.99 18.59
CA ILE C 238 -11.30 -11.14 17.34
C ILE C 238 -10.27 -10.75 16.28
N THR C 239 -10.10 -11.59 15.27
CA THR C 239 -9.10 -11.35 14.24
C THR C 239 -9.68 -11.29 12.83
N PRO C 240 -8.85 -10.96 11.82
CA PRO C 240 -9.29 -10.88 10.42
C PRO C 240 -9.77 -12.24 9.89
N GLU C 241 -9.37 -13.32 10.55
CA GLU C 241 -9.77 -14.66 10.12
C GLU C 241 -11.27 -14.92 10.22
N LYS C 242 -11.91 -14.39 11.24
CA LYS C 242 -13.35 -14.59 11.42
C LYS C 242 -14.21 -13.37 11.07
N ASN C 243 -13.61 -12.18 11.04
CA ASN C 243 -14.37 -10.97 10.75
C ASN C 243 -13.87 -10.24 9.49
N PRO C 244 -14.79 -10.01 8.52
CA PRO C 244 -14.53 -9.34 7.24
C PRO C 244 -14.17 -7.86 7.36
N GLN C 245 -14.81 -7.16 8.28
CA GLN C 245 -14.55 -5.74 8.49
C GLN C 245 -13.09 -5.60 8.94
N LEU C 246 -12.69 -6.44 9.87
CA LEU C 246 -11.33 -6.44 10.40
C LEU C 246 -10.32 -6.94 9.38
N ARG C 247 -10.76 -7.85 8.51
CA ARG C 247 -9.86 -8.40 7.49
C ARG C 247 -9.53 -7.34 6.45
N ASP C 248 -10.53 -6.53 6.10
CA ASP C 248 -10.36 -5.46 5.13
C ASP C 248 -9.35 -4.43 5.62
N LEU C 249 -9.35 -4.18 6.93
CA LEU C 249 -8.43 -3.22 7.53
C LEU C 249 -7.13 -3.90 7.96
N ASP C 250 -7.15 -5.23 8.00
CA ASP C 250 -5.99 -6.00 8.44
C ASP C 250 -5.65 -5.57 9.86
N VAL C 251 -6.65 -5.67 10.75
CA VAL C 251 -6.50 -5.28 12.15
C VAL C 251 -7.16 -6.30 13.07
N PHE C 252 -6.62 -6.48 14.28
CA PHE C 252 -7.26 -7.37 15.24
C PHE C 252 -7.56 -6.53 16.47
N LEU C 253 -8.55 -6.97 17.26
CA LEU C 253 -8.95 -6.28 18.48
C LEU C 253 -8.91 -7.26 19.64
N SER C 254 -8.39 -6.83 20.78
CA SER C 254 -8.34 -7.69 21.95
C SER C 254 -8.55 -6.90 23.24
N VAL C 255 -8.99 -7.60 24.27
CA VAL C 255 -9.23 -7.01 25.57
C VAL C 255 -8.68 -7.98 26.60
N VAL C 256 -8.01 -7.42 27.60
CA VAL C 256 -7.38 -8.19 28.67
C VAL C 256 -7.81 -7.76 30.08
N ASP C 257 -8.00 -8.76 30.94
CA ASP C 257 -8.37 -8.58 32.35
C ASP C 257 -7.25 -9.21 33.16
N MET C 258 -6.69 -8.47 34.12
CA MET C 258 -5.61 -8.98 34.98
C MET C 258 -5.78 -8.54 36.44
N ASN C 259 -5.78 -9.51 37.36
CA ASN C 259 -5.90 -9.21 38.78
C ASN C 259 -4.68 -8.44 39.27
N GLU C 260 -4.82 -7.75 40.38
CA GLU C 260 -3.70 -7.01 40.97
C GLU C 260 -2.59 -7.99 41.30
N GLY C 261 -1.35 -7.63 40.95
CA GLY C 261 -0.22 -8.49 41.22
C GLY C 261 0.03 -9.59 40.20
N ALA C 262 -0.67 -9.54 39.07
CA ALA C 262 -0.48 -10.54 38.03
C ALA C 262 0.51 -10.04 36.98
N LEU C 263 1.19 -10.98 36.35
CA LEU C 263 2.19 -10.66 35.33
C LEU C 263 1.88 -11.36 34.02
N PHE C 264 1.79 -10.57 32.94
CA PHE C 264 1.53 -11.10 31.60
C PHE C 264 2.91 -11.54 31.10
N LEU C 265 3.19 -12.84 31.18
CA LEU C 265 4.48 -13.40 30.79
C LEU C 265 5.15 -12.84 29.53
N PRO C 266 6.49 -12.79 29.52
CA PRO C 266 7.34 -12.30 28.42
C PRO C 266 6.98 -12.94 27.09
N HIS C 267 6.71 -12.11 26.09
CA HIS C 267 6.34 -12.60 24.76
C HIS C 267 6.47 -11.47 23.77
N PHE C 268 6.36 -11.80 22.49
CA PHE C 268 6.40 -10.78 21.45
C PHE C 268 5.38 -11.14 20.37
N ASN C 269 4.92 -10.13 19.66
CA ASN C 269 3.98 -10.35 18.56
C ASN C 269 4.85 -10.51 17.34
N SER C 270 4.68 -11.61 16.63
CA SER C 270 5.51 -11.89 15.46
C SER C 270 5.46 -10.84 14.34
N LYS C 271 4.28 -10.31 14.02
CA LYS C 271 4.23 -9.33 12.94
C LYS C 271 3.31 -8.13 13.18
N ALA C 272 2.55 -8.16 14.26
CA ALA C 272 1.63 -7.08 14.56
C ALA C 272 2.23 -5.97 15.41
N ILE C 273 1.88 -4.74 15.06
CA ILE C 273 2.30 -3.56 15.80
C ILE C 273 1.07 -3.31 16.67
N VAL C 274 1.22 -3.48 17.98
CA VAL C 274 0.10 -3.36 18.91
C VAL C 274 0.00 -2.04 19.67
N VAL C 275 -1.18 -1.41 19.57
CA VAL C 275 -1.46 -0.13 20.24
C VAL C 275 -2.32 -0.41 21.47
N LEU C 276 -1.74 -0.22 22.65
CA LEU C 276 -2.45 -0.46 23.91
C LEU C 276 -3.11 0.79 24.50
N VAL C 277 -4.30 0.61 25.06
CA VAL C 277 -5.02 1.71 25.69
C VAL C 277 -5.53 1.19 27.05
N ILE C 278 -5.06 1.82 28.12
CA ILE C 278 -5.44 1.42 29.49
C ILE C 278 -6.85 1.94 29.80
N ASN C 279 -7.76 1.03 30.12
CA ASN C 279 -9.12 1.43 30.43
C ASN C 279 -9.30 1.62 31.94
N GLU C 280 -8.83 0.64 32.70
CA GLU C 280 -8.91 0.70 34.16
C GLU C 280 -7.66 0.11 34.80
N GLY C 281 -7.19 0.73 35.87
CA GLY C 281 -6.01 0.22 36.55
C GLY C 281 -4.69 0.84 36.13
N GLU C 282 -3.60 0.26 36.65
CA GLU C 282 -2.26 0.74 36.36
C GLU C 282 -1.32 -0.45 36.22
N ALA C 283 -0.29 -0.29 35.41
CA ALA C 283 0.64 -1.39 35.22
C ALA C 283 2.02 -0.88 34.90
N ASN C 284 3.01 -1.74 35.14
CA ASN C 284 4.38 -1.41 34.81
C ASN C 284 4.61 -2.24 33.57
N ILE C 285 5.25 -1.66 32.57
CA ILE C 285 5.51 -2.36 31.33
C ILE C 285 6.98 -2.25 30.96
N GLU C 286 7.56 -3.37 30.54
CA GLU C 286 8.95 -3.40 30.11
C GLU C 286 8.95 -3.82 28.65
N LEU C 287 9.70 -3.08 27.84
CA LEU C 287 9.82 -3.35 26.41
C LEU C 287 11.30 -3.51 26.08
N VAL C 288 11.63 -4.42 25.17
CA VAL C 288 13.03 -4.62 24.81
C VAL C 288 13.36 -4.40 23.34
N GLY C 289 14.23 -3.43 23.08
CA GLY C 289 14.67 -3.14 21.74
C GLY C 289 16.12 -3.57 21.56
N ILE C 290 16.72 -3.24 20.41
CA ILE C 290 18.11 -3.62 20.16
C ILE C 290 19.00 -2.40 20.00
N PRO C 303 30.21 -5.37 22.46
CA PRO C 303 29.04 -6.25 22.47
C PRO C 303 27.72 -5.52 22.21
N LEU C 304 26.95 -6.02 21.26
CA LEU C 304 25.66 -5.42 20.91
C LEU C 304 24.78 -5.53 22.15
N GLU C 305 24.34 -4.38 22.67
CA GLU C 305 23.48 -4.35 23.84
C GLU C 305 22.02 -4.16 23.50
N VAL C 306 21.14 -4.61 24.39
CA VAL C 306 19.71 -4.46 24.20
C VAL C 306 19.29 -3.10 24.78
N ARG C 307 18.14 -2.59 24.33
CA ARG C 307 17.63 -1.33 24.84
C ARG C 307 16.41 -1.61 25.72
N LYS C 308 16.46 -1.18 26.97
CA LYS C 308 15.34 -1.40 27.89
C LYS C 308 14.41 -0.20 27.94
N TYR C 309 13.14 -0.40 27.57
CA TYR C 309 12.16 0.69 27.60
C TYR C 309 11.23 0.44 28.78
N ARG C 310 11.20 1.37 29.73
CA ARG C 310 10.37 1.22 30.91
C ARG C 310 9.33 2.34 31.05
N ALA C 311 8.18 2.01 31.62
CA ALA C 311 7.13 3.00 31.82
C ALA C 311 6.07 2.51 32.79
N GLU C 312 5.48 3.45 33.52
CA GLU C 312 4.41 3.15 34.46
C GLU C 312 3.16 3.66 33.78
N LEU C 313 2.16 2.79 33.61
CA LEU C 313 0.93 3.17 32.93
C LEU C 313 -0.23 3.48 33.86
N SER C 314 -1.04 4.46 33.45
CA SER C 314 -2.21 4.89 34.21
C SER C 314 -3.43 4.84 33.30
N GLU C 315 -4.61 4.98 33.90
CA GLU C 315 -5.86 4.95 33.14
C GLU C 315 -5.84 5.96 31.99
N GLN C 316 -6.23 5.48 30.81
CA GLN C 316 -6.29 6.28 29.59
C GLN C 316 -4.97 6.47 28.85
N ASP C 317 -3.88 5.98 29.42
CA ASP C 317 -2.58 6.07 28.76
C ASP C 317 -2.59 5.14 27.55
N ILE C 318 -1.63 5.34 26.66
CA ILE C 318 -1.51 4.51 25.48
C ILE C 318 -0.05 4.08 25.36
N PHE C 319 0.16 2.81 24.99
CA PHE C 319 1.52 2.30 24.82
C PHE C 319 1.60 1.47 23.54
N VAL C 320 2.65 1.72 22.75
CA VAL C 320 2.82 1.01 21.49
C VAL C 320 3.89 -0.07 21.57
N ILE C 321 3.53 -1.26 21.12
CA ILE C 321 4.47 -2.38 21.12
C ILE C 321 4.86 -2.75 19.70
N PRO C 322 6.03 -2.30 19.23
CA PRO C 322 6.45 -2.63 17.86
C PRO C 322 6.52 -4.15 17.71
N ALA C 323 6.24 -4.64 16.50
CA ALA C 323 6.25 -6.08 16.22
C ALA C 323 7.64 -6.67 16.43
N GLY C 324 7.70 -7.83 17.09
CA GLY C 324 8.96 -8.49 17.32
C GLY C 324 9.67 -8.10 18.61
N TYR C 325 9.21 -7.02 19.25
CA TYR C 325 9.81 -6.53 20.50
C TYR C 325 9.26 -7.24 21.74
N PRO C 326 10.12 -7.98 22.45
CA PRO C 326 9.67 -8.68 23.66
C PRO C 326 9.05 -7.67 24.63
N VAL C 327 7.99 -8.07 25.31
CA VAL C 327 7.29 -7.19 26.23
C VAL C 327 6.71 -7.98 27.42
N VAL C 328 6.48 -7.27 28.51
CA VAL C 328 5.89 -7.87 29.71
C VAL C 328 5.00 -6.82 30.37
N VAL C 329 3.83 -7.23 30.86
CA VAL C 329 2.94 -6.29 31.52
C VAL C 329 2.68 -6.77 32.94
N ASN C 330 3.02 -5.92 33.91
CA ASN C 330 2.85 -6.21 35.34
C ASN C 330 1.76 -5.34 35.97
N ALA C 331 0.63 -5.95 36.30
CA ALA C 331 -0.51 -5.23 36.88
C ALA C 331 -0.30 -4.78 38.32
N THR C 332 -0.20 -3.47 38.53
CA THR C 332 -0.01 -2.92 39.86
C THR C 332 -1.33 -2.94 40.64
N SER C 333 -2.45 -2.94 39.91
CA SER C 333 -3.77 -2.99 40.51
C SER C 333 -4.69 -3.67 39.47
N ASP C 334 -5.91 -4.01 39.87
CA ASP C 334 -6.84 -4.66 38.94
C ASP C 334 -6.80 -3.93 37.59
N LEU C 335 -6.33 -4.64 36.57
CA LEU C 335 -6.14 -4.05 35.24
C LEU C 335 -7.03 -4.56 34.11
N ASN C 336 -7.45 -3.63 33.27
CA ASN C 336 -8.26 -3.93 32.10
C ASN C 336 -7.78 -3.02 30.99
N PHE C 337 -7.32 -3.62 29.88
CA PHE C 337 -6.88 -2.82 28.75
C PHE C 337 -7.33 -3.42 27.44
N PHE C 338 -7.36 -2.59 26.40
CA PHE C 338 -7.75 -3.00 25.06
C PHE C 338 -6.56 -2.77 24.16
N ALA C 339 -6.55 -3.46 23.02
CA ALA C 339 -5.45 -3.33 22.08
C ALA C 339 -5.92 -3.39 20.63
N PHE C 340 -5.37 -2.53 19.78
CA PHE C 340 -5.66 -2.58 18.36
C PHE C 340 -4.38 -3.15 17.76
N GLY C 341 -4.50 -4.21 16.97
CA GLY C 341 -3.32 -4.80 16.37
C GLY C 341 -3.25 -4.51 14.88
N ILE C 342 -2.26 -3.71 14.48
CA ILE C 342 -2.05 -3.34 13.08
C ILE C 342 -1.17 -4.40 12.38
N ASN C 343 -1.36 -4.62 11.08
CA ASN C 343 -0.57 -5.60 10.31
C ASN C 343 -0.81 -6.95 10.98
N ALA C 344 -2.08 -7.19 11.30
CA ALA C 344 -2.59 -8.36 12.02
C ALA C 344 -2.68 -9.75 11.43
N GLU C 345 -2.92 -9.88 10.13
CA GLU C 345 -3.08 -11.21 9.54
C GLU C 345 -2.06 -12.27 9.93
N ASN C 346 -2.54 -13.37 10.50
CA ASN C 346 -1.70 -14.49 10.90
C ASN C 346 -0.69 -14.14 11.98
N ASN C 347 -0.97 -13.11 12.76
CA ASN C 347 -0.04 -12.75 13.83
C ASN C 347 0.04 -13.88 14.85
N GLN C 348 1.16 -13.96 15.53
CA GLN C 348 1.35 -15.00 16.53
C GLN C 348 1.98 -14.46 17.80
N ARG C 349 1.51 -14.97 18.93
CA ARG C 349 2.06 -14.56 20.22
C ARG C 349 3.03 -15.65 20.67
N ASN C 350 4.31 -15.30 20.71
CA ASN C 350 5.36 -16.22 21.10
C ASN C 350 5.91 -15.89 22.48
N PHE C 351 5.67 -16.80 23.43
CA PHE C 351 6.12 -16.61 24.82
C PHE C 351 7.54 -17.15 25.02
N LEU C 352 8.20 -16.63 26.05
CA LEU C 352 9.56 -17.01 26.35
C LEU C 352 9.64 -17.62 27.74
N ALA C 353 8.49 -17.74 28.39
CA ALA C 353 8.41 -18.32 29.72
C ALA C 353 7.05 -18.98 29.87
N GLY C 354 6.90 -19.82 30.87
CA GLY C 354 5.63 -20.49 31.08
C GLY C 354 5.56 -21.85 30.42
N SER C 355 4.50 -22.59 30.71
CA SER C 355 4.32 -23.94 30.18
C SER C 355 3.56 -24.07 28.86
N LYS C 356 3.05 -22.97 28.31
CA LYS C 356 2.32 -23.05 27.06
C LYS C 356 2.81 -22.03 26.03
N ASP C 357 2.92 -22.47 24.79
CA ASP C 357 3.39 -21.62 23.69
C ASP C 357 4.75 -21.00 23.94
N ASN C 358 5.62 -21.71 24.67
CA ASN C 358 6.96 -21.23 24.96
C ASN C 358 7.87 -21.61 23.80
N VAL C 359 8.32 -20.61 23.03
CA VAL C 359 9.20 -20.87 21.89
C VAL C 359 10.52 -21.52 22.30
N ILE C 360 11.07 -21.12 23.43
CA ILE C 360 12.34 -21.69 23.88
C ILE C 360 12.25 -23.20 24.11
N SER C 361 11.09 -23.68 24.56
CA SER C 361 10.93 -25.11 24.82
C SER C 361 10.82 -25.91 23.53
N GLN C 362 10.72 -25.21 22.40
CA GLN C 362 10.63 -25.89 21.11
C GLN C 362 11.99 -25.98 20.42
N ILE C 363 12.99 -25.31 20.98
CA ILE C 363 14.35 -25.32 20.44
C ILE C 363 15.07 -26.58 20.93
N PRO C 364 15.49 -27.46 20.01
CA PRO C 364 16.20 -28.70 20.39
C PRO C 364 17.32 -28.46 21.41
N SER C 365 17.53 -29.44 22.29
CA SER C 365 18.56 -29.31 23.32
C SER C 365 19.96 -29.11 22.75
N GLN C 366 20.23 -29.67 21.58
CA GLN C 366 21.54 -29.49 20.96
C GLN C 366 21.79 -28.02 20.70
N VAL C 367 20.78 -27.34 20.18
CA VAL C 367 20.89 -25.92 19.86
C VAL C 367 20.85 -25.06 21.12
N GLN C 368 20.01 -25.44 22.08
CA GLN C 368 19.94 -24.67 23.32
C GLN C 368 21.31 -24.65 23.99
N GLU C 369 21.95 -25.83 24.03
CA GLU C 369 23.27 -25.94 24.66
C GLU C 369 24.31 -25.07 23.95
N LEU C 370 24.18 -24.93 22.64
CA LEU C 370 25.12 -24.13 21.87
C LEU C 370 24.80 -22.63 21.93
N ALA C 371 23.54 -22.30 22.22
CA ALA C 371 23.13 -20.90 22.30
C ALA C 371 23.27 -20.32 23.71
N PHE C 372 23.08 -21.15 24.72
CA PHE C 372 23.18 -20.70 26.11
C PHE C 372 24.38 -21.31 26.83
N PRO C 373 25.02 -20.53 27.73
CA PRO C 373 26.18 -21.00 28.50
C PRO C 373 25.93 -22.24 29.33
N GLY C 374 24.73 -22.38 29.88
CA GLY C 374 24.40 -23.54 30.68
C GLY C 374 24.36 -24.81 29.85
N SER C 375 24.19 -25.95 30.52
CA SER C 375 24.11 -27.24 29.84
C SER C 375 22.66 -27.52 29.46
N ALA C 376 22.44 -28.56 28.65
CA ALA C 376 21.09 -28.90 28.21
C ALA C 376 20.16 -29.25 29.36
N LYS C 377 20.72 -29.82 30.42
CA LYS C 377 19.93 -30.22 31.58
C LYS C 377 19.54 -29.00 32.39
N ASP C 378 20.49 -28.09 32.60
CA ASP C 378 20.26 -26.87 33.36
C ASP C 378 19.24 -25.97 32.67
N ILE C 379 19.27 -25.97 31.34
CA ILE C 379 18.35 -25.17 30.55
C ILE C 379 16.95 -25.77 30.61
N GLU C 380 16.85 -27.09 30.50
CA GLU C 380 15.55 -27.74 30.55
C GLU C 380 14.90 -27.57 31.91
N ASN C 381 15.70 -27.70 32.97
CA ASN C 381 15.21 -27.57 34.34
C ASN C 381 14.70 -26.15 34.62
N LEU C 382 15.44 -25.16 34.14
CA LEU C 382 15.05 -23.75 34.32
C LEU C 382 13.72 -23.46 33.62
N ILE C 383 13.63 -23.85 32.35
CA ILE C 383 12.43 -23.63 31.54
C ILE C 383 11.20 -24.31 32.12
N LYS C 384 11.40 -25.43 32.81
CA LYS C 384 10.30 -26.19 33.41
C LYS C 384 9.81 -25.72 34.76
N SER C 385 10.60 -24.90 35.46
CA SER C 385 10.21 -24.43 36.79
C SER C 385 8.84 -23.74 36.80
N GLN C 386 8.58 -22.89 35.82
CA GLN C 386 7.31 -22.18 35.73
C GLN C 386 6.26 -23.11 35.14
N SER C 387 5.39 -23.65 36.00
CA SER C 387 4.35 -24.57 35.56
C SER C 387 3.09 -23.88 35.07
N GLU C 388 3.01 -22.58 35.28
CA GLU C 388 1.85 -21.82 34.82
C GLU C 388 2.14 -21.22 33.44
N SER C 389 1.12 -20.65 32.82
CA SER C 389 1.31 -20.06 31.50
C SER C 389 0.45 -18.84 31.28
N TYR C 390 0.95 -17.94 30.42
CA TYR C 390 0.26 -16.70 30.07
C TYR C 390 0.26 -15.66 31.19
N PHE C 391 -0.42 -15.95 32.29
CA PHE C 391 -0.48 -15.02 33.42
C PHE C 391 0.01 -15.72 34.70
N VAL C 392 0.98 -15.12 35.38
CA VAL C 392 1.55 -15.69 36.60
C VAL C 392 1.70 -14.63 37.71
N ASP C 393 1.96 -15.08 38.93
CA ASP C 393 2.14 -14.18 40.06
C ASP C 393 3.41 -13.32 39.92
N ALA C 394 3.24 -12.00 40.02
CA ALA C 394 4.37 -11.08 39.88
C ALA C 394 5.36 -11.13 41.03
MG MG D . -2.55 14.03 -45.57
MG MG E . 33.91 -30.83 13.57
MG MG F . -32.33 15.13 31.68
#